data_3ON6
#
_entry.id   3ON6
#
_cell.length_a   51.613
_cell.length_b   91.138
_cell.length_c   99.124
_cell.angle_alpha   90.000
_cell.angle_beta   92.350
_cell.angle_gamma   90.000
#
_symmetry.space_group_name_H-M   'P 1 21 1'
#
loop_
_entity.id
_entity.type
_entity.pdbx_description
1 polymer 'Uncharacterized protein'
2 non-polymer 'CHLORIDE ION'
3 non-polymer 1,2-ETHANEDIOL
4 non-polymer DI(HYDROXYETHYL)ETHER
5 water water
#
_entity_poly.entity_id   1
_entity_poly.type   'polypeptide(L)'
_entity_poly.pdbx_seq_one_letter_code
;GITNSDFVIQQDNTKINNYQTNRPETSKRLFVSQAVEQQIAHIKQLLTNARLAW(MSE)FENCFPNTLDTTVHFDGKDDT
FVYTGDIHA(MSE)WLRDSGAQVWPYVQLANKDAELKK(MSE)LAGVIKRQFKCINIDPYANAFN(MSE)NSEGGEW
(MSE)SDLTD(MSE)KPELHERKWEIDSLCYPIRLAYHYWKTTGDASIFSDEWLTAIAKVLKTFKEQQRKEDPKGPYRFQ
RKTERALDT(MSE)TNDGWGNPVKPVGLIASAFRPSDDATTFQFLVPSNFFAVTSLRKAAEILNTVNKKPDLAKECTTLS
NEVEAALKKYAVYNHPKYGKIYAFEVDGFGNQLL(MSE)DDANVPSLIALPYLGDVKVNDPIYQNTRKFVWSEDNPYFFK
GTAGEGIGGPHIGYD(MSE)IWP(MSE)SI(MSE)(MSE)KAFTSQNDAEIKTCIK(MSE)L(MSE)DTDAGTGF(MSE)
HESFHKNDPKNFTRSWFAWQNTLFGELILKLVNEGKVDLLNSIQ
;
_entity_poly.pdbx_strand_id   A,B
#
# COMPACT_ATOMS: atom_id res chain seq x y z
N TYR A 19 16.91 25.17 35.94
CA TYR A 19 16.02 24.81 34.78
C TYR A 19 15.41 26.07 34.15
N GLN A 20 16.20 26.75 33.33
CA GLN A 20 15.70 27.95 32.67
C GLN A 20 14.69 27.58 31.57
N THR A 21 13.59 28.32 31.50
CA THR A 21 12.54 27.93 30.58
C THR A 21 13.02 28.00 29.12
N ASN A 22 12.46 27.12 28.30
CA ASN A 22 12.65 27.15 26.86
C ASN A 22 11.48 27.86 26.15
N ARG A 23 10.52 28.40 26.91
CA ARG A 23 9.52 29.31 26.31
C ARG A 23 10.26 30.51 25.74
N PRO A 24 9.65 31.16 24.74
CA PRO A 24 10.20 32.42 24.28
C PRO A 24 10.15 33.46 25.39
N GLU A 25 11.07 34.41 25.34
CA GLU A 25 11.00 35.66 26.09
C GLU A 25 9.57 36.25 26.05
N THR A 26 9.08 36.74 27.20
CA THR A 26 7.71 37.21 27.37
CA THR A 26 7.68 37.14 27.33
C THR A 26 7.27 38.14 26.23
N SER A 27 8.14 39.08 25.89
CA SER A 27 7.86 40.09 24.86
C SER A 27 7.62 39.50 23.44
N LYS A 28 8.15 38.30 23.21
CA LYS A 28 8.08 37.65 21.90
C LYS A 28 6.94 36.63 21.79
N ARG A 29 6.23 36.37 22.89
CA ARG A 29 5.14 35.39 22.87
C ARG A 29 3.97 35.96 22.08
N LEU A 30 3.43 35.16 21.18
CA LEU A 30 2.42 35.63 20.24
C LEU A 30 1.05 35.93 20.85
N PHE A 31 0.63 35.14 21.83
CA PHE A 31 -0.63 35.36 22.54
C PHE A 31 -0.42 35.01 24.00
N VAL A 32 -0.90 35.87 24.91
CA VAL A 32 -0.77 35.69 26.34
C VAL A 32 -2.15 35.57 26.97
N SER A 33 -2.31 34.53 27.80
CA SER A 33 -3.53 34.31 28.56
C SER A 33 -3.16 34.32 30.04
N GLN A 34 -3.77 35.22 30.81
CA GLN A 34 -3.55 35.28 32.25
C GLN A 34 -4.00 34.00 32.94
N ALA A 35 -5.11 33.41 32.50
CA ALA A 35 -5.57 32.14 33.09
C ALA A 35 -4.58 31.01 32.84
N VAL A 36 -3.99 30.97 31.64
CA VAL A 36 -2.96 29.96 31.32
C VAL A 36 -1.74 30.17 32.22
N GLU A 37 -1.32 31.41 32.39
CA GLU A 37 -0.16 31.68 33.26
C GLU A 37 -0.41 31.27 34.70
N GLN A 38 -1.61 31.55 35.21
CA GLN A 38 -1.95 31.16 36.58
C GLN A 38 -2.04 29.63 36.70
N GLN A 39 -2.56 28.96 35.68
CA GLN A 39 -2.60 27.47 35.68
C GLN A 39 -1.19 26.89 35.71
N ILE A 40 -0.26 27.49 34.96
CA ILE A 40 1.11 27.01 34.94
C ILE A 40 1.78 27.22 36.30
N ALA A 41 1.60 28.41 36.89
CA ALA A 41 2.17 28.71 38.20
C ALA A 41 1.69 27.67 39.21
N HIS A 42 0.39 27.36 39.14
CA HIS A 42 -0.24 26.40 40.04
C HIS A 42 0.30 24.97 39.92
N ILE A 43 0.47 24.50 38.69
CA ILE A 43 0.98 23.16 38.46
C ILE A 43 2.44 23.08 38.88
N LYS A 44 3.23 24.11 38.61
CA LYS A 44 4.66 24.09 39.02
C LYS A 44 4.73 23.97 40.53
N GLN A 45 3.85 24.68 41.23
CA GLN A 45 3.86 24.61 42.69
C GLN A 45 3.52 23.21 43.21
N LEU A 46 2.58 22.54 42.56
CA LEU A 46 2.16 21.21 42.99
C LEU A 46 3.18 20.09 42.71
N LEU A 47 3.90 20.23 41.59
CA LEU A 47 4.87 19.22 41.18
C LEU A 47 6.19 19.35 41.92
N THR A 48 6.71 18.22 42.44
CA THR A 48 8.02 18.20 43.07
C THR A 48 9.15 17.86 42.09
N ASN A 49 8.86 17.22 40.96
CA ASN A 49 9.92 16.92 40.00
C ASN A 49 10.21 18.15 39.15
N ALA A 50 11.42 18.71 39.31
CA ALA A 50 11.77 19.98 38.66
C ALA A 50 11.84 19.88 37.13
N ARG A 51 12.35 18.77 36.60
N ARG A 51 12.34 18.76 36.63
CA ARG A 51 12.38 18.56 35.16
CA ARG A 51 12.41 18.48 35.21
C ARG A 51 10.98 18.44 34.57
C ARG A 51 11.01 18.40 34.59
N LEU A 52 10.11 17.69 35.26
CA LEU A 52 8.71 17.58 34.79
C LEU A 52 8.03 18.94 34.79
N ALA A 53 8.19 19.69 35.87
CA ALA A 53 7.59 21.02 35.95
C ALA A 53 8.07 21.93 34.83
N TRP A 54 9.38 21.91 34.57
CA TRP A 54 10.00 22.68 33.47
C TRP A 54 9.42 22.27 32.13
N PHE A 56 6.49 20.78 31.57
CA PHE A 56 5.11 21.24 31.54
C PHE A 56 5.02 22.74 31.12
N GLU A 57 5.81 23.58 31.74
CA GLU A 57 5.86 25.00 31.44
C GLU A 57 6.26 25.27 29.98
N ASN A 58 7.21 24.50 29.44
CA ASN A 58 7.64 24.64 28.03
C ASN A 58 6.46 24.31 27.12
N CYS A 59 5.73 23.25 27.45
CA CYS A 59 4.89 22.57 26.47
C CYS A 59 3.45 23.07 26.50
N PHE A 60 2.87 23.22 27.70
CA PHE A 60 1.44 23.56 27.82
C PHE A 60 1.05 24.85 27.08
N PRO A 61 1.88 25.92 27.16
CA PRO A 61 1.53 27.15 26.46
C PRO A 61 2.21 27.33 25.10
N ASN A 62 2.87 26.31 24.58
CA ASN A 62 3.68 26.49 23.39
C ASN A 62 2.84 27.03 22.21
N THR A 63 1.62 26.49 22.07
CA THR A 63 0.70 26.95 21.01
C THR A 63 0.46 28.44 21.09
N LEU A 64 0.16 28.95 22.29
CA LEU A 64 -0.05 30.37 22.45
C LEU A 64 1.26 31.18 22.26
N ASP A 65 2.36 30.65 22.79
CA ASP A 65 3.66 31.32 22.73
C ASP A 65 4.15 31.54 21.30
N THR A 66 3.89 30.56 20.42
CA THR A 66 4.64 30.44 19.16
C THR A 66 3.80 30.32 17.86
N THR A 67 2.49 30.09 17.98
CA THR A 67 1.68 29.80 16.77
C THR A 67 0.36 30.52 16.55
N VAL A 68 -0.11 31.27 17.53
CA VAL A 68 -1.45 31.88 17.50
C VAL A 68 -1.41 33.34 17.02
N HIS A 69 -2.17 33.60 15.96
CA HIS A 69 -2.35 34.94 15.40
C HIS A 69 -3.82 35.36 15.53
N PHE A 70 -4.13 35.98 16.68
CA PHE A 70 -5.48 36.49 16.96
C PHE A 70 -5.58 37.98 16.57
N ASP A 71 -6.59 38.33 15.79
CA ASP A 71 -6.73 39.68 15.28
C ASP A 71 -7.45 40.64 16.24
N GLY A 72 -7.84 40.15 17.40
CA GLY A 72 -8.50 40.94 18.44
C GLY A 72 -10.01 40.98 18.31
N LYS A 73 -10.53 40.42 17.21
CA LYS A 73 -11.95 40.48 16.89
C LYS A 73 -12.51 39.07 16.73
N ASP A 74 -12.65 38.59 15.49
CA ASP A 74 -13.35 37.33 15.19
C ASP A 74 -12.50 36.28 14.51
N ASP A 75 -11.17 36.47 14.44
CA ASP A 75 -10.32 35.55 13.66
C ASP A 75 -9.06 35.17 14.40
N THR A 76 -8.78 33.88 14.44
CA THR A 76 -7.51 33.35 14.93
C THR A 76 -6.96 32.35 13.95
N PHE A 77 -5.77 32.61 13.45
CA PHE A 77 -5.03 31.68 12.62
C PHE A 77 -3.95 31.01 13.46
N VAL A 78 -3.83 29.69 13.28
CA VAL A 78 -2.97 28.86 14.16
C VAL A 78 -2.03 28.00 13.34
N TYR A 79 -0.72 28.30 13.39
CA TYR A 79 0.28 27.54 12.66
C TYR A 79 0.59 26.25 13.43
N THR A 80 1.10 25.24 12.73
CA THR A 80 1.40 23.94 13.39
C THR A 80 2.68 23.98 14.18
N GLY A 81 3.54 24.95 13.89
CA GLY A 81 4.91 24.95 14.40
C GLY A 81 5.85 25.01 13.21
N ASP A 82 6.71 23.98 13.08
CA ASP A 82 7.74 24.01 12.06
C ASP A 82 7.24 23.67 10.66
N ILE A 83 5.92 23.46 10.50
CA ILE A 83 5.28 23.53 9.19
C ILE A 83 4.37 24.75 9.16
N HIS A 84 4.71 25.69 8.27
CA HIS A 84 4.10 27.01 8.28
C HIS A 84 2.76 27.07 7.50
N ALA A 85 1.77 26.39 8.04
CA ALA A 85 0.39 26.48 7.60
C ALA A 85 -0.49 26.06 8.80
N TRP A 87 -3.32 23.39 10.01
CA TRP A 87 -4.10 22.17 9.84
C TRP A 87 -5.42 22.31 10.62
N LEU A 88 -6.52 21.85 10.04
CA LEU A 88 -7.74 21.73 10.78
C LEU A 88 -7.56 20.79 11.98
N ARG A 89 -6.93 19.64 11.77
CA ARG A 89 -6.59 18.71 12.84
C ARG A 89 -5.73 19.39 13.90
N ASP A 90 -4.52 19.83 13.54
CA ASP A 90 -3.64 20.38 14.57
C ASP A 90 -4.31 21.53 15.35
N SER A 91 -4.93 22.45 14.64
CA SER A 91 -5.46 23.65 15.28
C SER A 91 -6.59 23.27 16.26
N GLY A 92 -7.40 22.27 15.92
CA GLY A 92 -8.47 21.82 16.77
C GLY A 92 -7.95 21.19 18.07
N ALA A 93 -6.78 20.53 17.99
CA ALA A 93 -6.12 19.95 19.16
C ALA A 93 -5.26 20.95 19.92
N GLN A 94 -4.63 21.85 19.17
CA GLN A 94 -3.62 22.75 19.76
C GLN A 94 -4.20 23.66 20.84
N VAL A 95 -5.48 24.01 20.71
CA VAL A 95 -6.15 24.85 21.71
C VAL A 95 -7.15 24.15 22.60
N TRP A 96 -7.32 22.85 22.38
CA TRP A 96 -8.27 22.03 23.15
C TRP A 96 -8.23 22.19 24.67
N PRO A 97 -7.05 21.98 25.35
CA PRO A 97 -7.03 22.09 26.81
C PRO A 97 -7.21 23.47 27.36
N TYR A 98 -7.16 24.52 26.52
CA TYR A 98 -7.39 25.87 26.99
C TYR A 98 -8.88 26.18 27.17
N VAL A 99 -9.75 25.40 26.55
CA VAL A 99 -11.20 25.69 26.56
C VAL A 99 -11.71 25.69 28.02
N GLN A 100 -11.18 24.77 28.82
CA GLN A 100 -11.61 24.66 30.22
C GLN A 100 -11.25 25.90 31.05
N LEU A 101 -10.39 26.78 30.54
CA LEU A 101 -10.04 28.04 31.21
C LEU A 101 -10.81 29.27 30.67
N ALA A 102 -11.63 29.06 29.65
CA ALA A 102 -12.24 30.18 28.90
C ALA A 102 -13.20 31.03 29.74
N ASN A 103 -13.86 30.45 30.73
CA ASN A 103 -14.79 31.22 31.56
C ASN A 103 -14.08 32.14 32.55
N LYS A 104 -12.77 31.98 32.71
CA LYS A 104 -11.96 32.81 33.60
C LYS A 104 -11.17 33.90 32.89
N ASP A 105 -11.23 33.96 31.55
CA ASP A 105 -10.31 34.77 30.74
C ASP A 105 -10.98 35.19 29.42
N ALA A 106 -11.51 36.41 29.41
CA ALA A 106 -12.29 36.92 28.28
C ALA A 106 -11.49 36.95 26.99
N GLU A 107 -10.21 37.29 27.05
CA GLU A 107 -9.41 37.36 25.85
C GLU A 107 -9.12 35.96 25.31
N LEU A 108 -8.84 35.00 26.21
CA LEU A 108 -8.68 33.61 25.81
C LEU A 108 -9.92 33.11 25.11
N LYS A 109 -11.08 33.39 25.70
CA LYS A 109 -12.37 32.99 25.13
C LYS A 109 -12.60 33.55 23.73
N LYS A 110 -12.32 34.83 23.54
CA LYS A 110 -12.43 35.43 22.22
C LYS A 110 -11.50 34.78 21.21
N LEU A 112 -10.31 31.72 21.29
CA LEU A 112 -10.84 30.37 20.96
C LEU A 112 -12.00 30.44 19.97
N ALA A 113 -12.92 31.37 20.18
CA ALA A 113 -14.03 31.58 19.23
C ALA A 113 -13.48 31.91 17.81
N GLY A 114 -12.39 32.69 17.77
CA GLY A 114 -11.70 33.05 16.52
C GLY A 114 -11.11 31.85 15.81
N VAL A 115 -10.59 30.87 16.56
CA VAL A 115 -10.04 29.66 15.95
C VAL A 115 -11.16 28.90 15.26
N ILE A 116 -12.27 28.72 15.97
CA ILE A 116 -13.45 27.98 15.45
C ILE A 116 -14.02 28.69 14.19
N LYS A 117 -14.15 30.01 14.24
CA LYS A 117 -14.68 30.77 13.11
CA LYS A 117 -14.69 30.77 13.09
C LYS A 117 -13.76 30.61 11.90
N ARG A 118 -12.46 30.71 12.13
CA ARG A 118 -11.48 30.45 11.06
C ARG A 118 -11.60 29.02 10.50
N GLN A 119 -11.75 28.03 11.36
CA GLN A 119 -11.89 26.65 10.92
C GLN A 119 -13.08 26.50 9.98
N PHE A 120 -14.21 27.09 10.34
CA PHE A 120 -15.41 26.94 9.51
C PHE A 120 -15.22 27.65 8.18
N LYS A 121 -14.53 28.80 8.18
CA LYS A 121 -14.24 29.47 6.92
C LYS A 121 -13.37 28.59 6.02
N CYS A 122 -12.40 27.89 6.63
CA CYS A 122 -11.51 26.97 5.87
C CYS A 122 -12.32 25.84 5.25
N ILE A 123 -13.21 25.25 6.02
CA ILE A 123 -14.05 24.16 5.50
C ILE A 123 -14.86 24.70 4.29
N ASN A 124 -15.37 25.91 4.43
CA ASN A 124 -16.13 26.55 3.36
C ASN A 124 -15.31 26.79 2.12
N ILE A 125 -14.02 27.05 2.29
CA ILE A 125 -13.11 27.17 1.14
C ILE A 125 -12.98 25.85 0.35
N ASP A 126 -12.75 24.77 1.06
CA ASP A 126 -12.65 23.45 0.44
C ASP A 126 -12.75 22.37 1.52
N PRO A 127 -13.89 21.65 1.59
CA PRO A 127 -14.09 20.67 2.64
C PRO A 127 -13.24 19.38 2.48
N TYR A 128 -12.53 19.26 1.36
CA TYR A 128 -11.58 18.17 1.11
C TYR A 128 -10.14 18.48 1.59
N ALA A 129 -9.87 19.73 1.93
CA ALA A 129 -8.49 20.18 2.23
C ALA A 129 -8.08 20.02 3.70
N ASN A 130 -6.83 19.63 3.92
CA ASN A 130 -6.34 19.40 5.29
C ASN A 130 -5.63 20.63 5.87
N ALA A 131 -5.05 21.45 5.01
CA ALA A 131 -4.16 22.52 5.45
C ALA A 131 -4.35 23.80 4.65
N PHE A 132 -4.27 24.92 5.35
CA PHE A 132 -4.67 26.23 4.84
C PHE A 132 -3.62 27.29 5.11
N ASN A 133 -3.56 28.26 4.20
CA ASN A 133 -2.77 29.48 4.36
C ASN A 133 -3.57 30.57 5.03
N ASN A 135 -3.71 33.72 4.13
CA ASN A 135 -4.34 34.50 3.06
C ASN A 135 -4.35 33.67 1.76
N SER A 136 -3.84 34.19 0.66
CA SER A 136 -3.80 33.46 -0.61
C SER A 136 -2.38 33.24 -1.10
N GLU A 137 -1.46 32.93 -0.20
CA GLU A 137 -0.02 32.85 -0.54
C GLU A 137 0.35 31.74 -1.53
N GLY A 138 -0.52 30.76 -1.74
CA GLY A 138 -0.18 29.66 -2.64
C GLY A 138 0.73 28.64 -1.94
N GLY A 139 1.87 28.37 -2.54
CA GLY A 139 2.89 27.58 -1.93
C GLY A 139 3.35 26.42 -2.81
N GLU A 140 4.12 25.53 -2.18
N GLU A 140 4.16 25.55 -2.23
CA GLU A 140 4.84 24.47 -2.86
CA GLU A 140 4.81 24.47 -2.97
C GLU A 140 3.94 23.37 -3.43
C GLU A 140 3.81 23.52 -3.61
N TRP A 141 2.74 23.22 -2.88
CA TRP A 141 1.85 22.15 -3.33
C TRP A 141 0.82 22.58 -4.37
N SER A 143 1.36 22.62 -7.28
CA SER A 143 1.64 21.70 -8.40
C SER A 143 0.98 20.33 -8.25
N ASP A 144 0.41 20.04 -7.09
CA ASP A 144 -0.27 18.74 -6.89
C ASP A 144 -1.36 18.50 -7.94
N LEU A 145 -1.51 17.26 -8.37
CA LEU A 145 -2.54 16.89 -9.37
CA LEU A 145 -2.53 16.87 -9.36
C LEU A 145 -3.87 16.66 -8.64
N THR A 146 -4.52 17.78 -8.36
CA THR A 146 -5.79 17.84 -7.63
C THR A 146 -6.25 19.28 -7.82
N ASP A 147 -7.52 19.54 -7.52
N ASP A 147 -7.52 19.53 -7.51
CA ASP A 147 -8.08 20.89 -7.72
CA ASP A 147 -8.12 20.87 -7.66
C ASP A 147 -7.67 21.79 -6.57
C ASP A 147 -7.63 21.75 -6.54
N LYS A 149 -6.57 25.68 -4.77
CA LYS A 149 -6.84 27.11 -4.67
C LYS A 149 -5.69 27.71 -3.86
N PRO A 150 -5.36 29.00 -4.07
CA PRO A 150 -4.19 29.58 -3.37
C PRO A 150 -4.37 29.75 -1.87
N GLU A 151 -5.61 29.63 -1.39
CA GLU A 151 -5.89 29.65 0.05
C GLU A 151 -5.49 28.34 0.74
N LEU A 152 -5.21 27.30 -0.05
CA LEU A 152 -4.84 25.99 0.49
C LEU A 152 -3.34 25.81 0.56
N HIS A 153 -2.84 25.27 1.67
CA HIS A 153 -1.47 24.78 1.73
C HIS A 153 -1.41 23.38 1.16
N GLU A 154 -2.40 22.55 1.46
CA GLU A 154 -2.41 21.16 0.97
C GLU A 154 -3.84 20.66 0.91
N ARG A 155 -4.12 19.74 0.00
CA ARG A 155 -5.46 19.22 -0.20
C ARG A 155 -5.51 17.70 -0.16
N LYS A 156 -4.99 17.16 0.92
CA LYS A 156 -5.15 15.75 1.27
C LYS A 156 -6.46 15.57 2.02
N TRP A 157 -7.36 14.76 1.45
CA TRP A 157 -8.66 14.48 2.06
C TRP A 157 -8.50 13.49 3.24
N GLU A 158 -8.82 13.99 4.43
CA GLU A 158 -8.70 13.26 5.70
C GLU A 158 -9.99 13.49 6.48
N ILE A 159 -10.76 12.45 6.72
CA ILE A 159 -12.04 12.59 7.43
C ILE A 159 -11.89 13.43 8.67
N ASP A 160 -10.82 13.16 9.44
CA ASP A 160 -10.65 13.78 10.75
C ASP A 160 -10.46 15.30 10.70
N SER A 161 -10.03 15.81 9.55
CA SER A 161 -9.96 17.27 9.35
C SER A 161 -11.29 17.98 9.64
N LEU A 162 -12.40 17.35 9.24
CA LEU A 162 -13.70 17.93 9.43
C LEU A 162 -14.24 17.68 10.81
N CYS A 163 -13.74 16.64 11.49
CA CYS A 163 -14.20 16.29 12.84
C CYS A 163 -13.60 17.15 13.94
N TYR A 164 -12.30 17.42 13.86
CA TYR A 164 -11.63 18.17 14.92
C TYR A 164 -12.29 19.54 15.21
N PRO A 165 -12.65 20.30 14.15
CA PRO A 165 -13.36 21.58 14.40
C PRO A 165 -14.74 21.39 15.06
N ILE A 166 -15.51 20.37 14.66
CA ILE A 166 -16.79 20.09 15.32
C ILE A 166 -16.56 19.76 16.81
N ARG A 167 -15.55 18.92 17.06
CA ARG A 167 -15.18 18.59 18.44
C ARG A 167 -14.84 19.84 19.27
N LEU A 168 -14.02 20.72 18.70
CA LEU A 168 -13.63 21.93 19.40
C LEU A 168 -14.85 22.83 19.67
N ALA A 169 -15.67 23.04 18.62
CA ALA A 169 -16.83 23.94 18.71
C ALA A 169 -17.80 23.42 19.77
N TYR A 170 -18.07 22.12 19.76
CA TYR A 170 -19.00 21.55 20.75
C TYR A 170 -18.52 21.73 22.18
N HIS A 171 -17.24 21.45 22.44
CA HIS A 171 -16.64 21.66 23.77
C HIS A 171 -16.66 23.13 24.20
N TYR A 172 -16.36 24.04 23.28
CA TYR A 172 -16.40 25.46 23.54
C TYR A 172 -17.83 25.90 23.95
N TRP A 173 -18.82 25.42 23.20
CA TRP A 173 -20.24 25.72 23.47
C TRP A 173 -20.70 25.17 24.82
N LYS A 174 -20.38 23.92 25.09
CA LYS A 174 -20.80 23.31 26.35
C LYS A 174 -20.11 23.98 27.53
N THR A 175 -18.85 24.37 27.34
CA THR A 175 -18.11 24.97 28.44
C THR A 175 -18.57 26.39 28.71
N THR A 176 -18.71 27.20 27.67
CA THR A 176 -18.96 28.64 27.83
C THR A 176 -20.42 29.08 27.72
N GLY A 177 -21.27 28.27 27.09
CA GLY A 177 -22.64 28.65 26.74
C GLY A 177 -22.76 29.60 25.55
N ASP A 178 -21.64 29.92 24.89
CA ASP A 178 -21.60 30.86 23.79
C ASP A 178 -21.91 30.15 22.48
N ALA A 179 -23.15 30.30 22.02
CA ALA A 179 -23.60 29.71 20.75
C ALA A 179 -23.39 30.59 19.53
N SER A 180 -22.81 31.78 19.71
CA SER A 180 -22.63 32.75 18.61
C SER A 180 -21.68 32.24 17.54
N ILE A 181 -20.86 31.25 17.88
CA ILE A 181 -20.01 30.56 16.88
C ILE A 181 -20.83 29.81 15.80
N PHE A 182 -22.09 29.51 16.08
CA PHE A 182 -22.93 28.72 15.19
C PHE A 182 -23.76 29.61 14.27
N SER A 183 -22.99 30.35 13.48
CA SER A 183 -23.41 31.38 12.54
C SER A 183 -23.84 30.80 11.21
N ASP A 184 -24.11 31.67 10.24
CA ASP A 184 -24.38 31.21 8.90
C ASP A 184 -23.16 30.49 8.26
N GLU A 185 -21.96 30.89 8.61
CA GLU A 185 -20.79 30.15 8.13
C GLU A 185 -20.69 28.71 8.66
N TRP A 186 -21.06 28.50 9.93
CA TRP A 186 -21.21 27.16 10.46
C TRP A 186 -22.24 26.36 9.68
N LEU A 187 -23.41 26.94 9.45
CA LEU A 187 -24.44 26.24 8.70
C LEU A 187 -23.99 25.80 7.27
N THR A 188 -23.27 26.67 6.57
CA THR A 188 -22.68 26.35 5.27
C THR A 188 -21.66 25.22 5.45
N ALA A 189 -20.82 25.31 6.47
CA ALA A 189 -19.75 24.33 6.68
C ALA A 189 -20.31 22.94 7.00
N ILE A 190 -21.30 22.86 7.89
CA ILE A 190 -21.78 21.55 8.31
C ILE A 190 -22.51 20.86 7.14
N ALA A 191 -23.22 21.62 6.33
CA ALA A 191 -23.78 21.10 5.09
C ALA A 191 -22.68 20.59 4.14
N LYS A 192 -21.54 21.30 4.06
CA LYS A 192 -20.39 20.75 3.28
C LYS A 192 -19.79 19.49 3.85
N VAL A 193 -19.73 19.41 5.18
CA VAL A 193 -19.27 18.20 5.84
C VAL A 193 -20.14 16.99 5.46
N LEU A 194 -21.45 17.14 5.56
CA LEU A 194 -22.40 16.08 5.18
C LEU A 194 -22.20 15.70 3.71
N LYS A 195 -22.15 16.70 2.83
CA LYS A 195 -21.99 16.47 1.39
C LYS A 195 -20.72 15.67 1.11
N THR A 196 -19.62 16.04 1.77
CA THR A 196 -18.31 15.44 1.55
C THR A 196 -18.28 14.01 2.10
N PHE A 197 -18.75 13.81 3.34
CA PHE A 197 -18.83 12.47 3.89
C PHE A 197 -19.67 11.55 2.96
N LYS A 198 -20.81 12.03 2.47
CA LYS A 198 -21.67 11.18 1.64
C LYS A 198 -21.05 10.91 0.28
N GLU A 199 -20.42 11.92 -0.32
CA GLU A 199 -19.63 11.69 -1.55
C GLU A 199 -18.64 10.54 -1.33
N GLN A 200 -17.98 10.56 -0.18
CA GLN A 200 -16.95 9.61 0.07
C GLN A 200 -17.43 8.27 0.62
N GLN A 201 -18.74 8.04 0.69
CA GLN A 201 -19.23 6.67 0.80
C GLN A 201 -19.10 5.95 -0.54
N ARG A 202 -18.87 6.74 -1.60
CA ARG A 202 -18.63 6.23 -2.96
C ARG A 202 -19.66 5.18 -3.39
N LYS A 203 -20.93 5.50 -3.17
CA LYS A 203 -22.00 4.56 -3.45
C LYS A 203 -22.36 4.46 -4.94
N GLU A 204 -22.34 5.58 -5.67
CA GLU A 204 -22.83 5.59 -7.06
C GLU A 204 -21.69 5.55 -8.07
N ASP A 205 -20.47 5.73 -7.61
CA ASP A 205 -19.33 5.93 -8.50
C ASP A 205 -18.11 5.54 -7.68
N PRO A 206 -17.30 4.59 -8.15
CA PRO A 206 -16.07 4.21 -7.43
C PRO A 206 -14.97 5.30 -7.44
N LYS A 207 -15.12 6.26 -8.33
CA LYS A 207 -14.14 7.34 -8.48
C LYS A 207 -14.66 8.56 -7.73
N GLY A 208 -15.33 9.46 -8.44
CA GLY A 208 -16.01 10.59 -7.79
C GLY A 208 -15.33 11.95 -7.88
N PRO A 209 -15.72 12.85 -7.00
CA PRO A 209 -15.30 14.23 -7.17
C PRO A 209 -13.91 14.54 -6.62
N TYR A 210 -13.32 13.63 -5.88
CA TYR A 210 -12.00 13.86 -5.27
C TYR A 210 -10.97 12.89 -5.82
N ARG A 211 -9.92 13.46 -6.43
CA ARG A 211 -8.86 12.71 -7.10
C ARG A 211 -7.56 13.40 -6.70
N PHE A 212 -6.54 12.62 -6.38
CA PHE A 212 -5.27 13.19 -5.92
C PHE A 212 -4.07 12.38 -6.35
N GLN A 213 -3.11 13.06 -7.03
CA GLN A 213 -1.77 12.54 -7.20
C GLN A 213 -0.76 13.65 -6.99
N ARG A 214 0.45 13.26 -6.67
CA ARG A 214 1.57 14.18 -6.52
C ARG A 214 2.79 13.47 -7.08
N LYS A 215 3.60 14.18 -7.85
N LYS A 215 3.62 14.18 -7.83
CA LYS A 215 4.89 13.65 -8.28
CA LYS A 215 4.91 13.61 -8.27
C LYS A 215 5.83 13.70 -7.07
C LYS A 215 5.90 13.68 -7.13
N THR A 216 6.09 12.54 -6.48
CA THR A 216 6.89 12.49 -5.28
C THR A 216 7.60 11.15 -5.17
N GLU A 217 8.70 11.11 -4.42
CA GLU A 217 9.36 9.83 -4.12
C GLU A 217 8.69 9.08 -2.98
N ARG A 218 7.83 9.76 -2.23
CA ARG A 218 7.16 9.16 -1.08
C ARG A 218 5.89 8.47 -1.52
N ALA A 219 5.87 7.14 -1.43
CA ALA A 219 4.74 6.37 -1.94
C ALA A 219 3.39 6.74 -1.34
N LEU A 220 3.36 7.21 -0.10
CA LEU A 220 2.09 7.49 0.55
C LEU A 220 1.70 8.95 0.48
N ASP A 221 2.42 9.72 -0.35
CA ASP A 221 2.02 11.10 -0.65
C ASP A 221 1.34 11.24 -2.00
N THR A 222 0.95 10.12 -2.58
CA THR A 222 0.15 10.10 -3.81
C THR A 222 -0.79 8.89 -3.74
N THR A 224 -2.97 5.52 -5.28
CA THR A 224 -2.94 4.47 -6.27
C THR A 224 -4.09 4.59 -7.28
N ASN A 225 -4.06 3.70 -8.27
CA ASN A 225 -5.14 3.55 -9.23
C ASN A 225 -5.49 4.90 -9.87
N ASP A 226 -4.44 5.58 -10.33
CA ASP A 226 -4.59 6.77 -11.16
C ASP A 226 -5.24 7.94 -10.39
N GLY A 227 -5.01 7.98 -9.08
CA GLY A 227 -5.47 9.06 -8.20
C GLY A 227 -6.78 8.78 -7.48
N TRP A 228 -7.29 7.54 -7.60
CA TRP A 228 -8.58 7.15 -6.99
C TRP A 228 -8.45 6.32 -5.73
N GLY A 229 -7.25 5.83 -5.46
CA GLY A 229 -7.01 4.95 -4.31
C GLY A 229 -7.44 3.51 -4.55
N ASN A 230 -7.13 2.63 -3.59
CA ASN A 230 -7.55 1.23 -3.73
C ASN A 230 -9.07 1.10 -3.68
N PRO A 231 -9.64 0.16 -4.44
CA PRO A 231 -11.09 0.03 -4.50
C PRO A 231 -11.75 -0.13 -3.14
N VAL A 232 -12.95 0.46 -3.00
CA VAL A 232 -13.85 0.13 -1.92
C VAL A 232 -15.19 -0.41 -2.42
N LYS A 233 -15.78 -1.27 -1.61
CA LYS A 233 -17.15 -1.74 -1.83
C LYS A 233 -17.99 -0.84 -0.91
N PRO A 234 -19.01 -0.14 -1.47
CA PRO A 234 -19.68 0.90 -0.69
C PRO A 234 -20.69 0.44 0.37
N VAL A 235 -20.17 -0.06 1.47
CA VAL A 235 -20.95 -0.68 2.52
C VAL A 235 -21.56 0.31 3.55
N GLY A 236 -21.29 1.60 3.40
CA GLY A 236 -21.80 2.63 4.33
C GLY A 236 -20.73 3.42 5.08
N LEU A 237 -19.52 2.89 5.13
CA LEU A 237 -18.40 3.58 5.76
C LEU A 237 -17.96 4.73 4.85
N ILE A 238 -17.24 5.69 5.43
CA ILE A 238 -16.71 6.83 4.69
C ILE A 238 -15.26 6.58 4.32
N ALA A 239 -14.95 6.71 3.03
CA ALA A 239 -13.57 6.61 2.57
C ALA A 239 -12.78 7.85 2.98
N SER A 240 -11.57 7.64 3.49
CA SER A 240 -10.60 8.67 3.77
C SER A 240 -9.41 8.41 2.84
N ALA A 241 -9.04 9.39 2.04
CA ALA A 241 -7.94 9.24 1.10
C ALA A 241 -6.61 9.16 1.85
N PHE A 242 -6.53 9.96 2.92
CA PHE A 242 -5.34 10.04 3.73
C PHE A 242 -5.70 9.90 5.21
N ARG A 243 -4.69 9.51 5.99
CA ARG A 243 -4.77 9.29 7.42
C ARG A 243 -4.37 10.59 8.17
N PRO A 244 -4.59 10.63 9.49
CA PRO A 244 -4.15 11.79 10.27
C PRO A 244 -2.63 11.97 10.33
N SER A 245 -1.89 10.93 9.92
CA SER A 245 -0.46 11.05 9.65
C SER A 245 -0.13 11.85 8.37
N ASP A 246 -1.16 12.19 7.59
CA ASP A 246 -1.05 12.66 6.20
C ASP A 246 -0.55 11.61 5.19
N ASP A 247 -0.51 10.36 5.58
CA ASP A 247 -0.14 9.28 4.63
C ASP A 247 -1.41 8.74 3.99
N ALA A 248 -1.32 8.38 2.71
CA ALA A 248 -2.42 7.73 2.06
C ALA A 248 -2.85 6.47 2.81
N THR A 249 -4.16 6.25 2.88
CA THR A 249 -4.68 5.00 3.40
C THR A 249 -4.37 3.85 2.44
N THR A 250 -4.25 2.66 2.99
CA THR A 250 -4.11 1.42 2.18
C THR A 250 -5.50 0.93 1.77
N PHE A 251 -6.40 0.74 2.75
CA PHE A 251 -7.84 0.50 2.46
C PHE A 251 -8.55 1.74 2.97
N GLN A 252 -9.45 2.31 2.18
CA GLN A 252 -9.87 3.67 2.48
C GLN A 252 -10.85 3.85 3.64
N PHE A 253 -11.53 2.79 4.07
CA PHE A 253 -12.43 2.90 5.19
C PHE A 253 -11.60 2.85 6.48
N LEU A 254 -11.13 4.02 6.86
CA LEU A 254 -10.19 4.22 7.98
C LEU A 254 -11.00 4.17 9.26
N VAL A 255 -10.75 3.13 10.03
CA VAL A 255 -11.65 2.82 11.14
C VAL A 255 -11.68 3.88 12.26
N PRO A 256 -10.51 4.33 12.75
CA PRO A 256 -10.57 5.31 13.83
C PRO A 256 -11.25 6.60 13.39
N SER A 257 -11.01 6.99 12.14
CA SER A 257 -11.60 8.21 11.61
C SER A 257 -13.10 8.04 11.39
N ASN A 258 -13.56 6.86 10.99
CA ASN A 258 -15.00 6.62 10.91
C ASN A 258 -15.67 6.69 12.30
N PHE A 259 -15.03 6.10 13.32
CA PHE A 259 -15.53 6.23 14.70
C PHE A 259 -15.67 7.70 15.12
N PHE A 260 -14.65 8.49 14.82
CA PHE A 260 -14.63 9.92 15.13
C PHE A 260 -15.74 10.69 14.37
N ALA A 261 -16.01 10.27 13.15
CA ALA A 261 -17.10 10.87 12.36
C ALA A 261 -18.46 10.62 13.03
N VAL A 262 -18.69 9.40 13.50
CA VAL A 262 -19.95 9.03 14.17
C VAL A 262 -20.22 9.99 15.34
N THR A 263 -19.22 10.17 16.19
CA THR A 263 -19.39 10.97 17.39
C THR A 263 -19.55 12.45 17.00
N SER A 264 -18.76 12.88 16.03
CA SER A 264 -18.75 14.27 15.62
C SER A 264 -20.10 14.65 14.96
N LEU A 265 -20.67 13.75 14.18
CA LEU A 265 -21.96 14.02 13.54
C LEU A 265 -23.07 14.12 14.59
N ARG A 266 -22.96 13.33 15.64
CA ARG A 266 -23.96 13.37 16.71
C ARG A 266 -23.86 14.70 17.48
N LYS A 267 -22.63 15.22 17.65
CA LYS A 267 -22.47 16.51 18.29
C LYS A 267 -23.11 17.59 17.42
N ALA A 268 -22.82 17.53 16.14
CA ALA A 268 -23.38 18.42 15.14
C ALA A 268 -24.91 18.41 15.14
N ALA A 269 -25.50 17.23 15.22
CA ALA A 269 -26.96 17.10 15.30
C ALA A 269 -27.52 17.80 16.53
N GLU A 270 -26.90 17.61 17.68
CA GLU A 270 -27.34 18.28 18.89
C GLU A 270 -27.29 19.80 18.73
N ILE A 271 -26.19 20.32 18.20
CA ILE A 271 -26.06 21.77 17.93
C ILE A 271 -27.16 22.26 16.97
N LEU A 272 -27.36 21.51 15.88
CA LEU A 272 -28.33 21.92 14.84
C LEU A 272 -29.77 21.95 15.36
N ASN A 273 -30.16 20.97 16.18
CA ASN A 273 -31.49 20.99 16.79
C ASN A 273 -31.60 22.10 17.84
N THR A 274 -30.64 22.17 18.76
CA THR A 274 -30.71 23.02 19.95
C THR A 274 -30.47 24.51 19.67
N VAL A 275 -29.42 24.80 18.92
CA VAL A 275 -29.01 26.18 18.68
C VAL A 275 -29.67 26.74 17.43
N ASN A 276 -29.50 26.06 16.30
CA ASN A 276 -29.92 26.61 15.01
C ASN A 276 -31.36 26.35 14.63
N LYS A 277 -32.01 25.41 15.29
CA LYS A 277 -33.36 24.98 14.90
C LYS A 277 -33.40 24.61 13.40
N LYS A 278 -32.45 23.75 13.03
CA LYS A 278 -32.29 23.22 11.68
C LYS A 278 -32.44 21.72 11.71
N PRO A 279 -33.68 21.25 11.95
CA PRO A 279 -33.88 19.82 12.22
C PRO A 279 -33.60 18.89 11.05
N ASP A 280 -33.75 19.37 9.81
CA ASP A 280 -33.49 18.49 8.65
C ASP A 280 -31.98 18.17 8.52
N LEU A 281 -31.14 19.19 8.68
CA LEU A 281 -29.72 18.97 8.71
C LEU A 281 -29.33 18.09 9.92
N ALA A 282 -29.93 18.33 11.09
CA ALA A 282 -29.65 17.52 12.27
C ALA A 282 -29.99 16.06 12.00
N LYS A 283 -31.16 15.82 11.39
CA LYS A 283 -31.59 14.46 11.08
C LYS A 283 -30.63 13.79 10.10
N GLU A 284 -30.10 14.55 9.15
CA GLU A 284 -29.16 14.01 8.19
C GLU A 284 -27.88 13.57 8.90
N CYS A 285 -27.41 14.40 9.83
CA CYS A 285 -26.26 14.03 10.69
C CYS A 285 -26.52 12.78 11.53
N THR A 286 -27.64 12.74 12.20
CA THR A 286 -28.02 11.58 13.02
C THR A 286 -28.09 10.30 12.21
N THR A 287 -28.84 10.32 11.11
CA THR A 287 -29.02 9.12 10.30
C THR A 287 -27.70 8.68 9.65
N LEU A 288 -26.88 9.62 9.20
CA LEU A 288 -25.56 9.24 8.71
C LEU A 288 -24.69 8.62 9.81
N SER A 289 -24.71 9.20 11.00
CA SER A 289 -23.94 8.64 12.11
C SER A 289 -24.36 7.20 12.40
N ASN A 290 -25.66 6.91 12.34
CA ASN A 290 -26.15 5.58 12.68
C ASN A 290 -25.79 4.56 11.59
N GLU A 291 -25.81 5.03 10.32
CA GLU A 291 -25.38 4.22 9.16
C GLU A 291 -23.89 3.81 9.27
N VAL A 292 -23.06 4.78 9.59
CA VAL A 292 -21.61 4.54 9.73
C VAL A 292 -21.35 3.63 10.92
N GLU A 293 -22.03 3.87 12.06
CA GLU A 293 -21.87 2.99 13.23
C GLU A 293 -22.27 1.54 12.94
N ALA A 294 -23.37 1.34 12.23
CA ALA A 294 -23.81 0.00 11.88
C ALA A 294 -22.78 -0.69 11.00
N ALA A 295 -22.18 0.06 10.06
CA ALA A 295 -21.19 -0.52 9.14
C ALA A 295 -19.87 -0.84 9.87
N LEU A 296 -19.53 -0.05 10.89
CA LEU A 296 -18.38 -0.36 11.71
C LEU A 296 -18.60 -1.68 12.44
N LYS A 297 -19.79 -1.87 13.01
CA LYS A 297 -20.07 -3.12 13.73
C LYS A 297 -19.96 -4.34 12.80
N LYS A 298 -20.35 -4.16 11.54
CA LYS A 298 -20.42 -5.24 10.60
C LYS A 298 -19.10 -5.54 9.91
N TYR A 299 -18.23 -4.52 9.75
CA TYR A 299 -17.01 -4.67 8.94
C TYR A 299 -15.70 -4.39 9.67
N ALA A 300 -15.71 -3.72 10.83
CA ALA A 300 -14.46 -3.24 11.43
C ALA A 300 -13.84 -4.17 12.45
N VAL A 301 -14.48 -5.31 12.71
CA VAL A 301 -14.01 -6.23 13.75
C VAL A 301 -13.35 -7.47 13.12
N TYR A 302 -12.22 -7.87 13.70
CA TYR A 302 -11.46 -9.01 13.27
C TYR A 302 -11.24 -9.95 14.45
N ASN A 303 -11.53 -11.23 14.29
CA ASN A 303 -11.31 -12.21 15.37
C ASN A 303 -9.84 -12.67 15.37
N HIS A 304 -9.02 -12.02 16.17
CA HIS A 304 -7.61 -12.31 16.19
C HIS A 304 -7.35 -13.59 17.02
N PRO A 305 -6.61 -14.55 16.44
CA PRO A 305 -6.41 -15.83 17.14
C PRO A 305 -5.69 -15.67 18.48
N LYS A 306 -4.89 -14.61 18.63
CA LYS A 306 -4.17 -14.37 19.88
C LYS A 306 -4.92 -13.45 20.84
N TYR A 307 -5.48 -12.36 20.31
CA TYR A 307 -5.97 -11.26 21.15
C TYR A 307 -7.49 -11.27 21.35
N GLY A 308 -8.18 -12.12 20.60
CA GLY A 308 -9.64 -12.09 20.54
C GLY A 308 -10.12 -11.04 19.55
N LYS A 309 -11.40 -10.68 19.65
CA LYS A 309 -11.96 -9.71 18.72
C LYS A 309 -11.26 -8.36 18.90
N ILE A 310 -10.75 -7.82 17.80
CA ILE A 310 -10.11 -6.50 17.80
C ILE A 310 -10.71 -5.65 16.69
N TYR A 311 -10.50 -4.34 16.77
CA TYR A 311 -10.82 -3.45 15.65
C TYR A 311 -9.68 -3.45 14.65
N ALA A 312 -10.02 -3.56 13.38
CA ALA A 312 -9.07 -3.33 12.31
C ALA A 312 -8.76 -1.83 12.22
N PHE A 313 -7.59 -1.52 11.65
CA PHE A 313 -7.19 -0.14 11.39
C PHE A 313 -7.91 0.42 10.15
N GLU A 314 -7.93 -0.35 9.05
CA GLU A 314 -8.54 0.06 7.77
C GLU A 314 -9.21 -1.16 7.16
N VAL A 315 -10.32 -0.96 6.46
CA VAL A 315 -11.01 -2.06 5.74
C VAL A 315 -11.43 -1.53 4.39
N ASP A 316 -11.70 -2.42 3.43
CA ASP A 316 -12.12 -1.98 2.09
C ASP A 316 -13.55 -2.28 1.75
N GLY A 317 -14.25 -3.01 2.63
CA GLY A 317 -15.62 -3.44 2.32
C GLY A 317 -15.72 -4.73 1.53
N PHE A 318 -14.60 -5.20 0.98
CA PHE A 318 -14.56 -6.47 0.23
C PHE A 318 -14.30 -7.65 1.16
N GLY A 319 -13.80 -7.35 2.34
CA GLY A 319 -13.32 -8.34 3.28
C GLY A 319 -11.88 -8.14 3.74
N ASN A 320 -11.13 -7.25 3.08
CA ASN A 320 -9.78 -6.98 3.53
C ASN A 320 -9.82 -6.13 4.78
N GLN A 321 -8.94 -6.47 5.72
CA GLN A 321 -8.81 -5.75 6.98
C GLN A 321 -7.31 -5.67 7.29
N LEU A 322 -6.84 -4.46 7.54
CA LEU A 322 -5.44 -4.20 7.85
C LEU A 322 -5.33 -4.07 9.35
N LEU A 323 -4.48 -4.91 9.95
CA LEU A 323 -4.32 -5.00 11.40
C LEU A 323 -2.99 -4.34 11.77
N ASP A 325 -1.68 -0.25 14.05
CA ASP A 325 -2.09 1.08 14.48
C ASP A 325 -1.01 2.07 14.05
N ASP A 326 -1.39 3.32 13.94
CA ASP A 326 -0.47 4.42 13.64
C ASP A 326 -0.63 5.40 14.81
N ALA A 327 0.45 6.06 15.19
CA ALA A 327 0.44 6.94 16.37
C ALA A 327 -0.53 8.11 16.30
N ASN A 328 -0.85 8.59 15.11
CA ASN A 328 -1.64 9.81 14.98
C ASN A 328 -3.07 9.62 15.41
N VAL A 329 -3.57 10.58 16.17
CA VAL A 329 -4.95 10.61 16.65
C VAL A 329 -5.84 11.31 15.64
N PRO A 330 -6.96 10.67 15.20
CA PRO A 330 -7.54 9.41 15.66
C PRO A 330 -6.76 8.14 15.30
N SER A 331 -6.52 7.34 16.34
CA SER A 331 -5.91 6.03 16.23
C SER A 331 -6.77 5.02 16.98
N LEU A 332 -6.40 3.74 16.90
CA LEU A 332 -7.12 2.71 17.62
C LEU A 332 -6.92 2.87 19.12
N ILE A 333 -5.69 3.10 19.54
CA ILE A 333 -5.43 3.18 20.96
C ILE A 333 -6.14 4.37 21.57
N ALA A 334 -6.31 5.44 20.78
CA ALA A 334 -6.92 6.67 21.28
C ALA A 334 -8.43 6.73 21.22
N LEU A 335 -9.10 5.68 20.78
CA LEU A 335 -10.56 5.69 20.67
C LEU A 335 -11.26 6.26 21.92
N PRO A 336 -10.88 5.81 23.15
CA PRO A 336 -11.57 6.38 24.31
C PRO A 336 -11.18 7.81 24.65
N TYR A 337 -9.94 8.22 24.29
CA TYR A 337 -9.50 9.60 24.50
C TYR A 337 -10.43 10.58 23.78
N LEU A 338 -10.73 10.28 22.52
CA LEU A 338 -11.65 11.11 21.74
C LEU A 338 -13.12 10.92 22.16
N GLY A 339 -13.41 9.81 22.83
CA GLY A 339 -14.76 9.54 23.37
C GLY A 339 -15.61 8.69 22.44
N ASP A 340 -14.97 7.94 21.54
CA ASP A 340 -15.69 7.20 20.50
C ASP A 340 -16.08 5.80 20.95
N VAL A 341 -15.36 5.26 21.94
CA VAL A 341 -15.76 4.04 22.62
C VAL A 341 -15.49 4.23 24.11
N LYS A 342 -16.10 3.41 24.95
CA LYS A 342 -15.84 3.45 26.38
C LYS A 342 -14.52 2.70 26.65
N VAL A 343 -13.75 3.14 27.62
CA VAL A 343 -12.44 2.56 27.87
C VAL A 343 -12.56 1.06 28.23
N ASN A 344 -13.71 0.68 28.80
N ASN A 344 -13.66 0.60 28.80
CA ASN A 344 -14.02 -0.71 29.18
CA ASN A 344 -13.76 -0.84 29.10
C ASN A 344 -14.52 -1.63 28.05
C ASN A 344 -14.60 -1.63 28.07
N ASP A 345 -14.72 -1.08 26.86
CA ASP A 345 -15.24 -1.82 25.69
C ASP A 345 -14.28 -3.01 25.52
N PRO A 346 -14.81 -4.25 25.62
CA PRO A 346 -13.90 -5.43 25.58
C PRO A 346 -13.11 -5.54 24.26
N ILE A 347 -13.72 -5.10 23.16
CA ILE A 347 -13.04 -5.18 21.86
C ILE A 347 -11.91 -4.13 21.83
N TYR A 348 -12.18 -2.98 22.42
CA TYR A 348 -11.14 -1.97 22.58
C TYR A 348 -10.00 -2.53 23.45
N GLN A 349 -10.33 -3.17 24.59
CA GLN A 349 -9.24 -3.64 25.47
C GLN A 349 -8.38 -4.71 24.74
N ASN A 350 -9.00 -5.55 23.92
CA ASN A 350 -8.23 -6.52 23.15
C ASN A 350 -7.31 -5.82 22.13
N THR A 351 -7.88 -4.83 21.46
CA THR A 351 -7.19 -4.01 20.47
C THR A 351 -5.97 -3.30 21.08
N ARG A 352 -6.18 -2.79 22.30
CA ARG A 352 -5.13 -2.10 23.04
CA ARG A 352 -5.13 -2.11 23.06
C ARG A 352 -3.92 -3.03 23.27
N LYS A 353 -4.19 -4.28 23.63
CA LYS A 353 -3.11 -5.24 23.81
C LYS A 353 -2.39 -5.54 22.47
N PHE A 354 -3.17 -5.72 21.41
CA PHE A 354 -2.62 -6.02 20.09
C PHE A 354 -1.74 -4.86 19.57
N VAL A 355 -2.17 -3.61 19.68
CA VAL A 355 -1.47 -2.53 18.99
C VAL A 355 -0.15 -2.27 19.70
N TRP A 356 -0.10 -2.56 21.00
CA TRP A 356 1.10 -2.34 21.79
C TRP A 356 1.89 -3.66 21.91
N SER A 357 2.21 -4.21 20.75
CA SER A 357 2.91 -5.49 20.69
C SER A 357 3.60 -5.62 19.36
N GLU A 358 4.50 -6.59 19.29
CA GLU A 358 5.24 -6.87 18.07
C GLU A 358 4.41 -7.57 16.99
N ASP A 359 3.13 -7.83 17.28
CA ASP A 359 2.17 -8.22 16.25
C ASP A 359 1.64 -7.05 15.40
N ASN A 360 1.86 -5.83 15.89
CA ASN A 360 1.59 -4.61 15.14
C ASN A 360 2.83 -4.25 14.30
N PRO A 361 2.71 -4.20 12.97
CA PRO A 361 3.91 -3.83 12.16
C PRO A 361 4.54 -2.48 12.48
N TYR A 362 3.79 -1.57 13.07
CA TYR A 362 4.34 -0.28 13.42
C TYR A 362 4.59 -0.03 14.90
N PHE A 363 4.66 -1.10 15.67
CA PHE A 363 5.14 -1.05 17.06
C PHE A 363 6.62 -1.35 17.12
N PHE A 364 7.38 -0.47 17.77
CA PHE A 364 8.80 -0.60 17.86
C PHE A 364 9.31 -0.60 19.31
N LYS A 365 10.33 -1.41 19.57
CA LYS A 365 10.92 -1.52 20.90
C LYS A 365 12.44 -1.57 20.80
N GLY A 366 13.12 -0.67 21.54
CA GLY A 366 14.57 -0.67 21.58
C GLY A 366 15.10 -0.20 22.90
N THR A 367 16.35 0.21 22.91
CA THR A 367 17.01 0.59 24.15
C THR A 367 16.41 1.82 24.83
N ALA A 368 15.85 2.76 24.06
CA ALA A 368 15.40 4.03 24.60
C ALA A 368 13.94 4.03 25.08
N GLY A 369 13.16 3.03 24.63
CA GLY A 369 11.74 2.94 24.95
C GLY A 369 11.00 2.11 23.93
N GLU A 370 9.69 2.26 23.90
CA GLU A 370 8.85 1.51 23.00
C GLU A 370 7.57 2.30 22.71
N GLY A 371 6.92 1.95 21.61
CA GLY A 371 5.69 2.57 21.22
C GLY A 371 5.39 2.43 19.75
N ILE A 372 4.41 3.17 19.31
CA ILE A 372 3.89 3.06 17.96
C ILE A 372 4.36 4.24 17.10
N GLY A 373 4.69 3.95 15.85
CA GLY A 373 4.97 4.98 14.86
C GLY A 373 4.04 4.77 13.67
N GLY A 374 4.63 4.44 12.54
CA GLY A 374 3.87 4.35 11.30
C GLY A 374 4.79 4.51 10.11
N PRO A 375 4.22 4.40 8.89
CA PRO A 375 4.99 4.55 7.67
C PRO A 375 5.39 6.00 7.32
N HIS A 376 4.91 6.99 8.08
CA HIS A 376 5.22 8.39 7.75
C HIS A 376 6.70 8.69 7.82
N ILE A 377 7.30 8.28 8.94
CA ILE A 377 8.72 8.42 9.16
C ILE A 377 9.48 7.12 8.96
N GLY A 378 8.76 6.01 9.12
CA GLY A 378 9.29 4.69 8.84
C GLY A 378 9.76 3.87 10.03
N TYR A 379 10.62 2.90 9.74
CA TYR A 379 10.96 1.89 10.69
C TYR A 379 11.67 2.50 11.90
N ASP A 380 11.32 1.97 13.07
CA ASP A 380 12.01 2.17 14.34
C ASP A 380 11.87 3.58 14.95
N ILE A 382 9.58 5.91 16.96
CA ILE A 382 8.45 5.88 17.89
C ILE A 382 7.92 7.30 18.03
N TRP A 383 6.62 7.46 17.96
CA TRP A 383 6.01 8.77 18.22
C TRP A 383 5.61 8.92 19.70
N PRO A 384 6.05 9.99 20.36
CA PRO A 384 5.54 10.30 21.72
C PRO A 384 4.03 10.32 21.85
N SER A 386 1.91 8.29 20.80
CA SER A 386 1.40 6.95 21.14
C SER A 386 1.56 6.65 22.62
N ILE A 387 2.68 7.07 23.19
CA ILE A 387 2.96 6.92 24.62
C ILE A 387 2.01 7.79 25.42
N LYS A 390 -1.40 6.10 25.32
CA LYS A 390 -1.41 5.01 26.29
C LYS A 390 -1.70 5.54 27.71
N ALA A 391 -1.04 6.63 28.09
CA ALA A 391 -1.32 7.25 29.39
C ALA A 391 -2.76 7.79 29.51
N PHE A 392 -3.24 8.51 28.50
CA PHE A 392 -4.56 9.11 28.52
C PHE A 392 -5.65 8.05 28.72
N THR A 393 -5.42 6.84 28.22
CA THR A 393 -6.42 5.80 28.16
C THR A 393 -6.15 4.69 29.17
N SER A 394 -5.21 4.92 30.08
CA SER A 394 -4.81 3.95 31.08
C SER A 394 -5.74 3.97 32.28
N GLN A 395 -5.94 2.79 32.85
CA GLN A 395 -6.67 2.66 34.11
C GLN A 395 -5.74 2.15 35.21
N ASN A 396 -4.43 2.35 35.05
CA ASN A 396 -3.46 1.77 35.98
C ASN A 396 -2.39 2.79 36.30
N ASP A 397 -2.18 3.11 37.57
CA ASP A 397 -1.20 4.13 37.97
C ASP A 397 0.24 3.80 37.54
N ALA A 398 0.65 2.55 37.71
CA ALA A 398 2.03 2.17 37.39
C ALA A 398 2.30 2.35 35.89
N GLU A 399 1.32 1.98 35.10
CA GLU A 399 1.38 2.17 33.63
C GLU A 399 1.51 3.66 33.28
N ILE A 400 0.68 4.51 33.89
CA ILE A 400 0.75 5.96 33.63
C ILE A 400 2.13 6.47 33.99
N LYS A 401 2.63 6.09 35.16
CA LYS A 401 3.97 6.52 35.59
C LYS A 401 5.06 6.10 34.60
N THR A 402 5.02 4.86 34.15
CA THR A 402 5.98 4.37 33.14
C THR A 402 5.96 5.25 31.89
N CYS A 403 4.76 5.64 31.44
CA CYS A 403 4.57 6.47 30.26
C CYS A 403 5.16 7.86 30.44
N ILE A 404 4.84 8.47 31.58
CA ILE A 404 5.33 9.81 31.83
C ILE A 404 6.86 9.79 31.90
N LYS A 405 7.46 8.82 32.60
CA LYS A 405 8.91 8.76 32.66
CA LYS A 405 8.93 8.68 32.67
C LYS A 405 9.54 8.55 31.28
N LEU A 407 8.31 9.62 28.44
CA LEU A 407 8.20 10.89 27.73
C LEU A 407 9.29 11.86 28.17
N ASP A 409 12.24 10.87 29.24
CA ASP A 409 13.56 10.28 28.96
C ASP A 409 13.81 10.12 27.47
N THR A 410 12.87 10.56 26.65
CA THR A 410 13.00 10.41 25.18
C THR A 410 12.91 11.74 24.40
N ASP A 411 13.07 12.87 25.12
CA ASP A 411 13.00 14.21 24.49
C ASP A 411 14.37 14.75 24.04
N ALA A 412 15.41 13.94 24.17
CA ALA A 412 16.79 14.37 23.81
C ALA A 412 17.22 15.61 24.61
N GLY A 413 16.64 15.78 25.79
CA GLY A 413 16.93 16.92 26.65
C GLY A 413 16.41 18.27 26.18
N THR A 414 15.56 18.28 25.16
CA THR A 414 15.08 19.53 24.56
C THR A 414 13.97 20.17 25.40
N GLY A 415 13.28 19.38 26.23
CA GLY A 415 12.18 19.90 27.03
C GLY A 415 10.86 20.05 26.28
N PHE A 416 10.81 19.51 25.06
CA PHE A 416 9.62 19.56 24.19
C PHE A 416 9.27 18.17 23.66
N HIS A 418 8.45 15.80 20.49
CA HIS A 418 8.79 15.65 19.09
C HIS A 418 7.75 14.81 18.36
N GLU A 419 7.82 14.85 17.04
CA GLU A 419 7.02 13.95 16.21
C GLU A 419 7.41 12.52 16.50
N SER A 420 8.70 12.20 16.34
CA SER A 420 9.19 10.81 16.56
C SER A 420 10.64 10.82 16.99
N PHE A 421 11.07 9.70 17.58
CA PHE A 421 12.45 9.51 18.00
C PHE A 421 12.84 8.05 17.75
N HIS A 422 14.13 7.82 17.54
CA HIS A 422 14.60 6.47 17.24
C HIS A 422 14.59 5.60 18.49
N LYS A 423 14.07 4.37 18.34
CA LYS A 423 13.91 3.43 19.45
C LYS A 423 15.21 3.12 20.20
N ASN A 424 16.37 3.29 19.53
CA ASN A 424 17.68 3.09 20.16
C ASN A 424 18.47 4.37 20.41
N ASP A 425 17.90 5.53 20.08
CA ASP A 425 18.60 6.79 20.23
C ASP A 425 17.65 8.00 20.12
N PRO A 426 17.15 8.51 21.26
CA PRO A 426 16.26 9.68 21.21
C PRO A 426 16.86 10.94 20.63
N LYS A 427 18.18 11.01 20.46
CA LYS A 427 18.80 12.18 19.86
C LYS A 427 18.58 12.22 18.36
N ASN A 428 18.14 11.10 17.78
CA ASN A 428 17.71 11.06 16.38
C ASN A 428 16.20 11.25 16.39
N PHE A 429 15.74 12.45 16.12
CA PHE A 429 14.32 12.75 16.23
C PHE A 429 13.83 13.67 15.11
N THR A 430 12.52 13.69 14.95
CA THR A 430 11.87 14.52 13.94
C THR A 430 10.93 15.56 14.59
N ARG A 431 10.82 16.68 13.92
CA ARG A 431 10.02 17.88 14.30
C ARG A 431 10.31 18.41 15.69
N SER A 432 11.30 19.28 15.77
CA SER A 432 11.67 19.91 17.03
C SER A 432 10.57 20.82 17.58
N TRP A 433 9.72 21.35 16.69
CA TRP A 433 8.70 22.34 17.07
C TRP A 433 7.37 21.91 16.49
N PHE A 434 6.63 21.19 17.33
CA PHE A 434 5.38 20.51 16.94
C PHE A 434 4.32 20.80 18.01
N ALA A 435 3.61 21.89 17.81
CA ALA A 435 2.82 22.49 18.85
C ALA A 435 1.66 21.60 19.30
N TRP A 436 1.04 20.86 18.40
CA TRP A 436 0.01 19.87 18.79
C TRP A 436 0.53 18.92 19.86
N GLN A 437 1.76 18.41 19.68
CA GLN A 437 2.35 17.46 20.60
C GLN A 437 2.66 18.09 21.98
N ASN A 438 3.13 19.33 21.96
CA ASN A 438 3.37 20.08 23.20
C ASN A 438 2.08 20.34 23.96
N THR A 439 1.04 20.70 23.23
CA THR A 439 -0.29 20.83 23.81
C THR A 439 -0.73 19.55 24.47
N LEU A 440 -0.58 18.42 23.79
CA LEU A 440 -1.00 17.12 24.35
C LEU A 440 -0.27 16.79 25.64
N PHE A 441 1.02 17.10 25.72
CA PHE A 441 1.79 16.80 26.91
C PHE A 441 1.28 17.64 28.08
N GLY A 442 1.12 18.95 27.85
CA GLY A 442 0.56 19.82 28.86
C GLY A 442 -0.81 19.34 29.31
N GLU A 443 -1.64 18.95 28.35
CA GLU A 443 -3.00 18.49 28.63
C GLU A 443 -2.99 17.23 29.50
N LEU A 444 -2.04 16.35 29.21
CA LEU A 444 -1.91 15.09 29.95
C LEU A 444 -1.55 15.34 31.42
N ILE A 445 -0.56 16.18 31.64
CA ILE A 445 -0.13 16.45 33.00
C ILE A 445 -1.26 17.16 33.75
N LEU A 446 -1.91 18.10 33.08
CA LEU A 446 -3.00 18.85 33.73
C LEU A 446 -4.14 17.90 34.12
N LYS A 447 -4.45 16.95 33.22
CA LYS A 447 -5.51 15.96 33.46
C LYS A 447 -5.22 15.15 34.72
N LEU A 448 -3.99 14.65 34.80
CA LEU A 448 -3.54 13.84 35.91
C LEU A 448 -3.58 14.62 37.25
N VAL A 449 -3.13 15.86 37.25
CA VAL A 449 -3.22 16.69 38.45
C VAL A 449 -4.67 16.94 38.84
N ASN A 450 -5.51 17.27 37.86
CA ASN A 450 -6.92 17.58 38.13
C ASN A 450 -7.70 16.33 38.59
N GLU A 451 -7.24 15.15 38.23
CA GLU A 451 -7.84 13.89 38.68
C GLU A 451 -7.34 13.44 40.03
N GLY A 452 -6.47 14.22 40.68
CA GLY A 452 -5.97 13.85 42.01
C GLY A 452 -4.77 12.90 42.01
N LYS A 453 -4.00 12.86 40.92
CA LYS A 453 -2.83 11.98 40.82
C LYS A 453 -1.50 12.74 40.91
N VAL A 454 -1.48 13.86 41.62
CA VAL A 454 -0.20 14.54 41.79
C VAL A 454 0.82 13.67 42.57
N ASP A 455 0.36 12.82 43.50
CA ASP A 455 1.29 11.95 44.24
C ASP A 455 2.03 11.02 43.30
N LEU A 456 1.32 10.48 42.31
CA LEU A 456 1.95 9.60 41.32
CA LEU A 456 1.92 9.61 41.29
C LEU A 456 3.05 10.33 40.57
N LEU A 457 2.78 11.55 40.11
CA LEU A 457 3.77 12.34 39.39
C LEU A 457 4.91 12.75 40.27
N ASN A 458 4.61 13.08 41.52
CA ASN A 458 5.66 13.46 42.47
C ASN A 458 6.50 12.27 42.94
N SER A 459 6.05 11.05 42.68
CA SER A 459 6.86 9.84 42.94
C SER A 459 7.93 9.57 41.88
N ILE A 460 7.96 10.35 40.81
CA ILE A 460 9.00 10.27 39.80
C ILE A 460 10.20 11.04 40.31
N GLN A 461 11.30 10.33 40.48
CA GLN A 461 12.47 10.89 41.16
C GLN A 461 13.33 11.70 40.22
N TYR B 19 -8.10 -12.59 -44.85
CA TYR B 19 -7.38 -12.24 -43.57
C TYR B 19 -5.87 -12.17 -43.82
N GLN B 20 -5.40 -11.02 -44.28
CA GLN B 20 -3.98 -10.80 -44.49
C GLN B 20 -3.25 -10.77 -43.14
N THR B 21 -2.10 -11.46 -43.07
CA THR B 21 -1.38 -11.55 -41.82
C THR B 21 -0.90 -10.19 -41.35
N ASN B 22 -0.89 -10.01 -40.03
CA ASN B 22 -0.26 -8.87 -39.39
C ASN B 22 1.17 -9.13 -38.97
N ARG B 23 1.71 -10.30 -39.28
CA ARG B 23 3.16 -10.50 -39.13
C ARG B 23 3.91 -9.48 -40.03
N PRO B 24 5.16 -9.17 -39.67
CA PRO B 24 5.95 -8.36 -40.62
C PRO B 24 6.23 -9.08 -41.92
N GLU B 25 6.50 -8.35 -42.99
CA GLU B 25 6.95 -9.04 -44.21
C GLU B 25 8.22 -9.79 -43.87
N THR B 26 8.44 -10.88 -44.61
CA THR B 26 9.50 -11.81 -44.32
C THR B 26 10.87 -11.14 -44.12
N SER B 27 11.21 -10.18 -44.97
CA SER B 27 12.54 -9.56 -44.91
C SER B 27 12.77 -8.73 -43.61
N LYS B 28 11.69 -8.35 -42.93
CA LYS B 28 11.76 -7.56 -41.69
C LYS B 28 11.69 -8.39 -40.41
N ARG B 29 11.55 -9.70 -40.55
CA ARG B 29 11.47 -10.57 -39.38
C ARG B 29 12.88 -10.76 -38.82
N LEU B 30 13.02 -10.59 -37.52
CA LEU B 30 14.34 -10.56 -36.91
C LEU B 30 15.00 -11.94 -36.82
N PHE B 31 14.18 -12.95 -36.58
CA PHE B 31 14.68 -14.31 -36.45
C PHE B 31 13.66 -15.26 -37.06
N VAL B 32 14.12 -16.20 -37.87
CA VAL B 32 13.22 -17.14 -38.55
C VAL B 32 13.61 -18.55 -38.11
N SER B 33 12.61 -19.32 -37.69
CA SER B 33 12.80 -20.72 -37.33
C SER B 33 12.01 -21.60 -38.28
N GLN B 34 12.69 -22.52 -38.94
CA GLN B 34 11.99 -23.54 -39.76
C GLN B 34 10.89 -24.31 -38.98
N ALA B 35 11.21 -24.71 -37.74
CA ALA B 35 10.27 -25.56 -37.00
C ALA B 35 9.03 -24.79 -36.59
N VAL B 36 9.20 -23.52 -36.26
CA VAL B 36 8.08 -22.65 -35.96
C VAL B 36 7.19 -22.44 -37.19
N GLU B 37 7.79 -22.24 -38.36
CA GLU B 37 6.99 -22.08 -39.57
C GLU B 37 6.23 -23.35 -39.89
N GLN B 38 6.87 -24.51 -39.71
CA GLN B 38 6.19 -25.78 -39.93
C GLN B 38 5.03 -25.98 -38.96
N GLN B 39 5.25 -25.58 -37.71
CA GLN B 39 4.23 -25.68 -36.68
C GLN B 39 3.04 -24.80 -37.03
N ILE B 40 3.31 -23.58 -37.50
CA ILE B 40 2.25 -22.64 -37.86
C ILE B 40 1.44 -23.17 -39.03
N ALA B 41 2.12 -23.73 -40.03
CA ALA B 41 1.42 -24.19 -41.21
C ALA B 41 0.54 -25.40 -40.84
N HIS B 42 1.03 -26.23 -39.92
CA HIS B 42 0.30 -27.39 -39.45
C HIS B 42 -1.00 -26.97 -38.73
N ILE B 43 -0.88 -26.04 -37.80
CA ILE B 43 -2.05 -25.55 -37.02
C ILE B 43 -3.06 -24.85 -37.93
N LYS B 44 -2.58 -24.01 -38.85
CA LYS B 44 -3.48 -23.35 -39.80
C LYS B 44 -4.31 -24.33 -40.63
N GLN B 45 -3.71 -25.45 -41.03
CA GLN B 45 -4.40 -26.49 -41.82
C GLN B 45 -5.47 -27.23 -41.00
N LEU B 46 -5.20 -27.43 -39.70
CA LEU B 46 -6.14 -28.09 -38.79
C LEU B 46 -7.32 -27.19 -38.36
N LEU B 47 -7.08 -25.89 -38.19
CA LEU B 47 -8.12 -24.99 -37.71
C LEU B 47 -9.04 -24.57 -38.85
N THR B 48 -10.35 -24.60 -38.61
CA THR B 48 -11.31 -24.21 -39.62
C THR B 48 -11.86 -22.79 -39.40
N ASN B 49 -11.65 -22.22 -38.21
CA ASN B 49 -12.03 -20.83 -37.95
C ASN B 49 -10.93 -19.91 -38.45
N ALA B 50 -11.23 -19.20 -39.54
CA ALA B 50 -10.25 -18.38 -40.25
C ALA B 50 -9.67 -17.27 -39.37
N ARG B 51 -10.53 -16.64 -38.56
N ARG B 51 -10.51 -16.62 -38.56
CA ARG B 51 -10.12 -15.57 -37.65
CA ARG B 51 -10.04 -15.56 -37.67
C ARG B 51 -9.17 -16.10 -36.58
C ARG B 51 -9.13 -16.11 -36.59
N LEU B 52 -9.50 -17.26 -36.01
CA LEU B 52 -8.61 -17.88 -35.00
C LEU B 52 -7.24 -18.24 -35.59
N ALA B 53 -7.25 -18.85 -36.76
CA ALA B 53 -6.01 -19.26 -37.45
C ALA B 53 -5.13 -18.03 -37.73
N TRP B 54 -5.76 -16.95 -38.15
CA TRP B 54 -5.07 -15.68 -38.38
C TRP B 54 -4.42 -15.13 -37.13
N PHE B 56 -3.63 -16.85 -34.46
CA PHE B 56 -2.55 -17.75 -34.06
C PHE B 56 -1.27 -17.41 -34.80
N GLU B 57 -1.41 -17.23 -36.11
CA GLU B 57 -0.26 -16.95 -36.97
C GLU B 57 0.36 -15.60 -36.61
N ASN B 58 -0.47 -14.61 -36.26
CA ASN B 58 0.04 -13.32 -35.85
C ASN B 58 0.86 -13.44 -34.55
N CYS B 59 0.35 -14.25 -33.61
CA CYS B 59 0.79 -14.19 -32.23
C CYS B 59 1.91 -15.19 -31.91
N PHE B 60 1.71 -16.44 -32.29
CA PHE B 60 2.69 -17.46 -31.92
C PHE B 60 4.17 -17.10 -32.23
N PRO B 61 4.49 -16.60 -33.44
CA PRO B 61 5.88 -16.25 -33.77
C PRO B 61 6.24 -14.78 -33.52
N ASN B 62 5.35 -14.01 -32.91
CA ASN B 62 5.59 -12.56 -32.75
C ASN B 62 6.96 -12.25 -32.08
N THR B 63 7.31 -13.01 -31.06
CA THR B 63 8.61 -12.85 -30.38
C THR B 63 9.77 -12.96 -31.37
N LEU B 64 9.75 -13.97 -32.22
CA LEU B 64 10.83 -14.18 -33.17
C LEU B 64 10.79 -13.12 -34.24
N ASP B 65 9.59 -12.82 -34.72
CA ASP B 65 9.39 -11.85 -35.80
C ASP B 65 9.90 -10.46 -35.43
N THR B 66 9.72 -10.06 -34.17
CA THR B 66 9.82 -8.62 -33.81
C THR B 66 10.72 -8.25 -32.66
N THR B 67 11.22 -9.22 -31.88
CA THR B 67 11.99 -8.90 -30.66
C THR B 67 13.33 -9.60 -30.43
N VAL B 68 13.66 -10.61 -31.25
CA VAL B 68 14.86 -11.45 -30.98
C VAL B 68 16.07 -10.97 -31.77
N HIS B 69 17.17 -10.77 -31.04
CA HIS B 69 18.45 -10.41 -31.61
C HIS B 69 19.45 -11.49 -31.22
N PHE B 70 19.65 -12.45 -32.12
CA PHE B 70 20.58 -13.55 -31.89
C PHE B 70 21.85 -13.25 -32.64
N ASP B 71 22.98 -13.37 -31.98
CA ASP B 71 24.26 -13.02 -32.62
C ASP B 71 24.89 -14.15 -33.44
N GLY B 72 24.22 -15.31 -33.53
CA GLY B 72 24.74 -16.42 -34.30
C GLY B 72 25.66 -17.32 -33.50
N LYS B 73 25.99 -16.92 -32.28
CA LYS B 73 26.90 -17.66 -31.42
C LYS B 73 26.26 -18.01 -30.07
N ASP B 74 26.56 -17.25 -29.02
CA ASP B 74 26.16 -17.60 -27.66
C ASP B 74 25.26 -16.56 -27.02
N ASP B 75 24.77 -15.58 -27.77
CA ASP B 75 23.99 -14.51 -27.15
C ASP B 75 22.69 -14.20 -27.88
N THR B 76 21.59 -14.15 -27.13
CA THR B 76 20.30 -13.66 -27.67
C THR B 76 19.74 -12.64 -26.73
N PHE B 77 19.46 -11.45 -27.27
CA PHE B 77 18.82 -10.37 -26.53
C PHE B 77 17.38 -10.30 -26.99
N VAL B 78 16.45 -10.23 -26.02
CA VAL B 78 15.02 -10.30 -26.34
C VAL B 78 14.29 -9.06 -25.76
N TYR B 79 13.80 -8.21 -26.65
CA TYR B 79 13.02 -7.02 -26.23
C TYR B 79 11.59 -7.41 -25.88
N THR B 80 10.91 -6.62 -25.06
CA THR B 80 9.53 -6.97 -24.67
C THR B 80 8.49 -6.72 -25.78
N GLY B 81 8.85 -5.85 -26.72
CA GLY B 81 7.88 -5.29 -27.64
C GLY B 81 7.94 -3.77 -27.49
N ASP B 82 6.83 -3.16 -27.13
CA ASP B 82 6.78 -1.70 -27.13
C ASP B 82 7.42 -1.01 -25.91
N ILE B 83 8.04 -1.79 -25.03
CA ILE B 83 8.98 -1.26 -24.07
C ILE B 83 10.36 -1.81 -24.47
N HIS B 84 11.27 -0.91 -24.86
CA HIS B 84 12.50 -1.31 -25.54
C HIS B 84 13.61 -1.66 -24.53
N ALA B 85 13.41 -2.75 -23.82
CA ALA B 85 14.41 -3.36 -22.93
C ALA B 85 14.07 -4.84 -22.79
N TRP B 87 13.18 -7.89 -20.21
CA TRP B 87 12.80 -8.26 -18.86
C TRP B 87 13.21 -9.70 -18.69
N LEU B 88 13.73 -10.06 -17.53
CA LEU B 88 13.98 -11.49 -17.22
C LEU B 88 12.66 -12.33 -17.26
N ARG B 89 11.60 -11.75 -16.74
CA ARG B 89 10.29 -12.40 -16.82
C ARG B 89 9.83 -12.55 -18.27
N ASP B 90 9.58 -11.43 -18.97
CA ASP B 90 9.06 -11.53 -20.34
C ASP B 90 9.92 -12.45 -21.21
N SER B 91 11.24 -12.28 -21.19
CA SER B 91 12.11 -13.08 -22.04
C SER B 91 12.01 -14.58 -21.74
N GLY B 92 11.84 -14.92 -20.46
CA GLY B 92 11.73 -16.31 -20.05
C GLY B 92 10.44 -16.94 -20.51
N ALA B 93 9.42 -16.12 -20.69
CA ALA B 93 8.12 -16.58 -21.20
C ALA B 93 8.01 -16.47 -22.70
N GLN B 94 8.61 -15.43 -23.27
CA GLN B 94 8.49 -15.14 -24.71
C GLN B 94 8.97 -16.26 -25.63
N VAL B 95 9.96 -17.05 -25.17
CA VAL B 95 10.48 -18.17 -25.96
C VAL B 95 10.08 -19.54 -25.41
N TRP B 96 9.29 -19.56 -24.33
CA TRP B 96 8.90 -20.80 -23.66
C TRP B 96 8.29 -21.89 -24.59
N PRO B 97 7.24 -21.56 -25.37
CA PRO B 97 6.64 -22.59 -26.20
C PRO B 97 7.47 -23.05 -27.37
N TYR B 98 8.59 -22.36 -27.65
CA TYR B 98 9.47 -22.78 -28.74
C TYR B 98 10.41 -23.92 -28.34
N VAL B 99 10.65 -24.07 -27.04
CA VAL B 99 11.58 -25.05 -26.55
C VAL B 99 11.21 -26.46 -27.03
N GLN B 100 9.93 -26.81 -27.00
CA GLN B 100 9.52 -28.15 -27.43
C GLN B 100 9.87 -28.50 -28.90
N LEU B 101 10.16 -27.48 -29.71
CA LEU B 101 10.56 -27.64 -31.10
C LEU B 101 12.09 -27.69 -31.30
N ALA B 102 12.86 -27.58 -30.22
CA ALA B 102 14.30 -27.33 -30.36
C ALA B 102 15.09 -28.53 -30.88
N ASN B 103 14.60 -29.75 -30.69
CA ASN B 103 15.37 -30.90 -31.15
C ASN B 103 15.37 -31.05 -32.66
N LYS B 104 14.46 -30.38 -33.33
CA LYS B 104 14.33 -30.52 -34.77
CA LYS B 104 14.31 -30.51 -34.77
C LYS B 104 14.80 -29.27 -35.52
N ASP B 105 15.40 -28.31 -34.82
CA ASP B 105 15.79 -27.06 -35.46
C ASP B 105 17.04 -26.55 -34.74
N ALA B 106 18.21 -26.82 -35.31
CA ALA B 106 19.47 -26.45 -34.71
C ALA B 106 19.62 -24.97 -34.46
N GLU B 107 19.19 -24.14 -35.42
CA GLU B 107 19.29 -22.67 -35.22
C GLU B 107 18.36 -22.20 -34.09
N LEU B 108 17.14 -22.71 -34.02
CA LEU B 108 16.23 -22.37 -32.92
C LEU B 108 16.87 -22.77 -31.60
N LYS B 109 17.45 -23.97 -31.56
CA LYS B 109 18.11 -24.45 -30.34
C LYS B 109 19.21 -23.50 -29.86
N LYS B 110 20.09 -23.11 -30.78
CA LYS B 110 21.20 -22.19 -30.50
CA LYS B 110 21.21 -22.23 -30.41
C LYS B 110 20.71 -20.85 -29.97
N LEU B 112 17.81 -20.29 -28.45
CA LEU B 112 17.26 -20.48 -27.11
C LEU B 112 18.38 -20.54 -26.07
N ALA B 113 19.45 -21.27 -26.37
CA ALA B 113 20.59 -21.31 -25.45
C ALA B 113 21.21 -19.92 -25.24
N GLY B 114 21.18 -19.09 -26.28
CA GLY B 114 21.62 -17.71 -26.19
C GLY B 114 20.76 -16.83 -25.28
N VAL B 115 19.44 -17.09 -25.25
CA VAL B 115 18.55 -16.36 -24.36
C VAL B 115 18.95 -16.67 -22.92
N ILE B 116 19.14 -17.96 -22.65
CA ILE B 116 19.50 -18.44 -21.31
C ILE B 116 20.82 -17.85 -20.85
N LYS B 117 21.80 -17.88 -21.74
N LYS B 117 21.81 -17.88 -21.74
CA LYS B 117 23.12 -17.35 -21.41
CA LYS B 117 23.14 -17.35 -21.42
C LYS B 117 23.05 -15.86 -21.13
C LYS B 117 23.06 -15.86 -21.13
N ARG B 118 22.28 -15.12 -21.93
CA ARG B 118 22.06 -13.70 -21.68
C ARG B 118 21.37 -13.48 -20.31
N GLN B 119 20.36 -14.28 -19.97
CA GLN B 119 19.68 -14.13 -18.70
C GLN B 119 20.63 -14.32 -17.51
N PHE B 120 21.51 -15.32 -17.57
CA PHE B 120 22.48 -15.52 -16.50
C PHE B 120 23.47 -14.34 -16.42
N LYS B 121 23.89 -13.83 -17.58
CA LYS B 121 24.69 -12.60 -17.64
C LYS B 121 23.99 -11.42 -16.92
N CYS B 122 22.71 -11.26 -17.18
CA CYS B 122 21.90 -10.22 -16.51
C CYS B 122 21.84 -10.37 -14.99
N ILE B 123 21.53 -11.58 -14.56
CA ILE B 123 21.53 -11.89 -13.15
C ILE B 123 22.89 -11.55 -12.52
N ASN B 124 23.97 -11.89 -13.21
CA ASN B 124 25.31 -11.61 -12.71
C ASN B 124 25.62 -10.12 -12.66
N ILE B 125 25.02 -9.33 -13.55
CA ILE B 125 25.12 -7.86 -13.50
C ILE B 125 24.44 -7.28 -12.24
N ASP B 126 23.22 -7.72 -11.97
CA ASP B 126 22.50 -7.26 -10.80
C ASP B 126 21.33 -8.20 -10.52
N PRO B 127 21.43 -9.01 -9.47
CA PRO B 127 20.32 -9.96 -9.24
C PRO B 127 19.04 -9.32 -8.71
N TYR B 128 19.08 -8.05 -8.33
CA TYR B 128 17.88 -7.31 -7.92
C TYR B 128 17.12 -6.64 -9.08
N ALA B 129 17.71 -6.63 -10.28
CA ALA B 129 17.15 -5.86 -11.40
C ALA B 129 16.18 -6.66 -12.26
N ASN B 130 15.07 -6.02 -12.65
CA ASN B 130 14.08 -6.65 -13.52
C ASN B 130 14.32 -6.52 -15.02
N ALA B 131 14.97 -5.44 -15.45
CA ALA B 131 15.00 -5.07 -16.85
C ALA B 131 16.40 -4.56 -17.26
N PHE B 132 16.85 -5.02 -18.42
CA PHE B 132 18.23 -4.86 -18.84
C PHE B 132 18.32 -4.24 -20.24
N ASN B 133 19.39 -3.48 -20.46
CA ASN B 133 19.74 -2.96 -21.78
C ASN B 133 20.66 -3.96 -22.52
N ASN B 135 23.36 -3.19 -24.21
CA ASN B 135 24.69 -2.76 -23.89
C ASN B 135 24.65 -1.85 -22.65
N SER B 136 25.06 -0.58 -22.80
CA SER B 136 25.14 0.35 -21.66
C SER B 136 24.39 1.65 -21.97
N GLU B 137 23.23 1.51 -22.61
CA GLU B 137 22.47 2.69 -23.08
C GLU B 137 21.89 3.60 -21.99
N GLY B 138 21.79 3.13 -20.76
CA GLY B 138 21.12 3.89 -19.70
C GLY B 138 19.66 4.05 -20.02
N GLY B 139 19.07 5.20 -19.74
CA GLY B 139 17.66 5.40 -20.02
C GLY B 139 16.95 6.26 -18.99
N GLU B 140 15.63 6.30 -19.12
CA GLU B 140 14.76 7.17 -18.29
CA GLU B 140 14.79 7.19 -18.30
C GLU B 140 14.98 6.95 -16.79
N TRP B 141 15.24 5.70 -16.41
CA TRP B 141 15.27 5.34 -14.99
C TRP B 141 16.64 5.42 -14.33
N SER B 143 17.92 7.92 -13.08
CA SER B 143 17.75 8.83 -11.96
C SER B 143 17.02 8.23 -10.76
N ASP B 144 16.52 6.99 -10.87
CA ASP B 144 15.84 6.34 -9.73
C ASP B 144 16.74 6.35 -8.50
N LEU B 145 16.13 6.47 -7.34
CA LEU B 145 16.84 6.46 -6.06
C LEU B 145 17.08 5.02 -5.59
N THR B 146 18.04 4.42 -6.28
CA THR B 146 18.50 3.05 -6.07
C THR B 146 19.90 2.97 -6.72
N ASP B 147 20.63 1.87 -6.54
N ASP B 147 20.59 1.84 -6.55
CA ASP B 147 21.97 1.79 -7.13
CA ASP B 147 21.92 1.63 -7.16
C ASP B 147 21.87 1.34 -8.60
C ASP B 147 21.80 1.31 -8.65
N LYS B 149 23.00 1.32 -12.79
CA LYS B 149 24.14 1.12 -13.67
C LYS B 149 23.56 1.20 -15.08
N PRO B 150 24.35 1.68 -16.07
CA PRO B 150 23.80 1.92 -17.41
C PRO B 150 23.41 0.66 -18.16
N GLU B 151 23.83 -0.50 -17.65
CA GLU B 151 23.45 -1.78 -18.22
C GLU B 151 22.02 -2.17 -17.83
N LEU B 152 21.42 -1.42 -16.89
CA LEU B 152 20.07 -1.68 -16.40
C LEU B 152 19.08 -0.71 -17.04
N HIS B 153 17.94 -1.23 -17.47
CA HIS B 153 16.81 -0.40 -17.85
C HIS B 153 16.03 -0.01 -16.60
N GLU B 154 15.90 -0.96 -15.66
CA GLU B 154 15.17 -0.76 -14.43
C GLU B 154 15.65 -1.70 -13.34
N ARG B 155 15.50 -1.27 -12.09
CA ARG B 155 15.94 -2.09 -10.96
C ARG B 155 14.86 -2.27 -9.90
N LYS B 156 13.71 -2.78 -10.32
CA LYS B 156 12.62 -3.14 -9.42
C LYS B 156 12.83 -4.60 -9.05
N TRP B 157 13.01 -4.87 -7.76
CA TRP B 157 13.21 -6.23 -7.25
C TRP B 157 11.90 -7.01 -7.25
N GLU B 158 11.84 -8.04 -8.09
CA GLU B 158 10.73 -8.95 -8.27
C GLU B 158 11.29 -10.39 -8.20
N ILE B 159 10.83 -11.17 -7.23
CA ILE B 159 11.29 -12.57 -7.04
C ILE B 159 11.21 -13.33 -8.36
N ASP B 160 10.12 -13.15 -9.07
CA ASP B 160 9.90 -13.93 -10.28
C ASP B 160 10.92 -13.66 -11.40
N SER B 161 11.55 -12.50 -11.38
CA SER B 161 12.66 -12.24 -12.30
C SER B 161 13.75 -13.32 -12.28
N LEU B 162 14.03 -13.85 -11.10
CA LEU B 162 15.07 -14.88 -10.95
C LEU B 162 14.55 -16.30 -11.23
N CYS B 163 13.24 -16.46 -11.11
CA CYS B 163 12.60 -17.74 -11.35
C CYS B 163 12.38 -18.06 -12.81
N TYR B 164 11.90 -17.11 -13.58
CA TYR B 164 11.65 -17.33 -15.00
C TYR B 164 12.86 -17.87 -15.76
N PRO B 165 14.09 -17.36 -15.48
CA PRO B 165 15.23 -17.96 -16.20
C PRO B 165 15.53 -19.39 -15.79
N ILE B 166 15.40 -19.70 -14.51
CA ILE B 166 15.64 -21.07 -14.04
C ILE B 166 14.63 -22.00 -14.70
N ARG B 167 13.37 -21.56 -14.73
CA ARG B 167 12.29 -22.32 -15.41
C ARG B 167 12.64 -22.60 -16.87
N LEU B 168 13.05 -21.56 -17.59
CA LEU B 168 13.37 -21.71 -19.00
C LEU B 168 14.53 -22.70 -19.17
N ALA B 169 15.58 -22.46 -18.39
CA ALA B 169 16.78 -23.28 -18.46
C ALA B 169 16.49 -24.76 -18.17
N TYR B 170 15.73 -25.04 -17.12
CA TYR B 170 15.39 -26.41 -16.78
C TYR B 170 14.63 -27.12 -17.92
N HIS B 171 13.64 -26.46 -18.48
CA HIS B 171 12.85 -27.04 -19.57
C HIS B 171 13.71 -27.24 -20.84
N TYR B 172 14.58 -26.27 -21.12
CA TYR B 172 15.52 -26.41 -22.25
C TYR B 172 16.44 -27.64 -22.06
N TRP B 173 16.97 -27.80 -20.86
CA TRP B 173 17.85 -28.96 -20.49
C TRP B 173 17.12 -30.28 -20.63
N LYS B 174 15.90 -30.36 -20.08
CA LYS B 174 15.11 -31.60 -20.06
C LYS B 174 14.67 -31.97 -21.46
N THR B 175 14.41 -30.97 -22.30
CA THR B 175 13.95 -31.24 -23.66
C THR B 175 15.09 -31.67 -24.58
N THR B 176 16.21 -30.94 -24.51
CA THR B 176 17.29 -31.10 -25.43
C THR B 176 18.45 -31.96 -24.94
N GLY B 177 18.55 -32.12 -23.62
CA GLY B 177 19.72 -32.76 -23.04
C GLY B 177 21.00 -31.95 -23.05
N ASP B 178 20.90 -30.68 -23.44
CA ASP B 178 22.07 -29.82 -23.55
C ASP B 178 22.39 -29.15 -22.20
N ALA B 179 23.37 -29.69 -21.49
CA ALA B 179 23.73 -29.13 -20.19
C ALA B 179 24.86 -28.10 -20.27
N SER B 180 25.28 -27.75 -21.48
CA SER B 180 26.37 -26.81 -21.68
C SER B 180 26.02 -25.40 -21.19
N ILE B 181 24.73 -25.10 -21.06
CA ILE B 181 24.26 -23.80 -20.57
C ILE B 181 24.60 -23.63 -19.10
N PHE B 182 24.90 -24.73 -18.40
CA PHE B 182 25.15 -24.67 -16.94
C PHE B 182 26.64 -24.55 -16.64
N SER B 183 27.16 -23.43 -17.10
CA SER B 183 28.56 -23.04 -17.08
C SER B 183 28.94 -22.44 -15.74
N ASP B 184 30.18 -21.96 -15.65
CA ASP B 184 30.59 -21.23 -14.45
C ASP B 184 29.74 -19.97 -14.27
N GLU B 185 29.24 -19.39 -15.36
CA GLU B 185 28.38 -18.19 -15.26
C GLU B 185 27.01 -18.52 -14.62
N TRP B 186 26.49 -19.69 -14.94
CA TRP B 186 25.33 -20.24 -14.21
C TRP B 186 25.65 -20.43 -12.73
N LEU B 187 26.81 -20.98 -12.43
CA LEU B 187 27.15 -21.24 -11.04
C LEU B 187 27.19 -19.94 -10.22
N THR B 188 27.79 -18.89 -10.79
N THR B 188 27.77 -18.88 -10.77
CA THR B 188 27.80 -17.56 -10.15
CA THR B 188 27.81 -17.61 -10.05
C THR B 188 26.38 -17.06 -9.98
C THR B 188 26.43 -16.94 -10.03
N ALA B 189 25.59 -17.19 -11.03
CA ALA B 189 24.22 -16.69 -11.07
C ALA B 189 23.33 -17.36 -10.03
N ILE B 190 23.35 -18.68 -9.97
CA ILE B 190 22.50 -19.39 -8.98
C ILE B 190 22.96 -19.09 -7.56
N ALA B 191 24.25 -18.87 -7.35
CA ALA B 191 24.71 -18.41 -6.05
C ALA B 191 24.17 -17.02 -5.71
N LYS B 192 24.13 -16.12 -6.68
CA LYS B 192 23.51 -14.80 -6.44
CA LYS B 192 23.51 -14.80 -6.47
C LYS B 192 22.01 -14.92 -6.17
N VAL B 193 21.34 -15.88 -6.80
CA VAL B 193 19.91 -16.07 -6.56
C VAL B 193 19.68 -16.49 -5.11
N LEU B 194 20.43 -17.48 -4.66
CA LEU B 194 20.36 -17.90 -3.26
C LEU B 194 20.64 -16.75 -2.30
N LYS B 195 21.70 -16.00 -2.56
CA LYS B 195 22.09 -14.89 -1.71
C LYS B 195 21.00 -13.85 -1.60
N THR B 196 20.41 -13.51 -2.76
CA THR B 196 19.38 -12.51 -2.89
C THR B 196 18.11 -12.95 -2.19
N PHE B 197 17.67 -14.16 -2.44
CA PHE B 197 16.48 -14.69 -1.76
C PHE B 197 16.70 -14.64 -0.24
N LYS B 198 17.87 -15.05 0.22
CA LYS B 198 18.11 -15.07 1.65
C LYS B 198 18.17 -13.66 2.26
N GLU B 199 18.84 -12.73 1.57
CA GLU B 199 18.81 -11.31 1.99
C GLU B 199 17.38 -10.84 2.19
N GLN B 200 16.50 -11.22 1.27
CA GLN B 200 15.11 -10.78 1.28
C GLN B 200 14.18 -11.59 2.18
N GLN B 201 14.71 -12.58 2.88
CA GLN B 201 13.98 -13.11 4.05
C GLN B 201 14.03 -12.08 5.18
N ARG B 202 14.98 -11.13 5.07
CA ARG B 202 15.10 -10.01 6.01
C ARG B 202 15.10 -10.44 7.48
N LYS B 203 15.89 -11.47 7.78
CA LYS B 203 15.93 -12.04 9.13
C LYS B 203 16.78 -11.26 10.11
N GLU B 204 17.96 -10.84 9.68
CA GLU B 204 18.89 -10.16 10.58
C GLU B 204 18.78 -8.65 10.42
N ASP B 205 18.32 -8.19 9.26
CA ASP B 205 18.23 -6.76 8.96
C ASP B 205 16.86 -6.52 8.28
N PRO B 206 15.95 -5.79 8.93
CA PRO B 206 14.62 -5.57 8.34
C PRO B 206 14.66 -4.67 7.11
N LYS B 207 15.78 -3.98 6.91
CA LYS B 207 15.95 -3.09 5.79
C LYS B 207 16.69 -3.89 4.72
N GLY B 208 18.02 -3.88 4.75
CA GLY B 208 18.78 -4.74 3.88
C GLY B 208 19.49 -4.03 2.74
N PRO B 209 20.04 -4.81 1.80
CA PRO B 209 20.85 -4.18 0.77
C PRO B 209 20.08 -3.51 -0.38
N TYR B 210 18.79 -3.80 -0.50
CA TYR B 210 17.99 -3.31 -1.61
C TYR B 210 17.02 -2.23 -1.11
N ARG B 211 17.16 -1.03 -1.67
CA ARG B 211 16.36 0.14 -1.30
C ARG B 211 15.95 0.76 -2.64
N PHE B 212 14.72 1.27 -2.72
CA PHE B 212 14.22 1.83 -3.96
C PHE B 212 13.18 2.94 -3.76
N GLN B 213 13.44 4.09 -4.34
CA GLN B 213 12.39 5.09 -4.55
C GLN B 213 12.52 5.69 -5.92
N ARG B 214 11.44 6.30 -6.39
CA ARG B 214 11.42 7.01 -7.68
C ARG B 214 10.49 8.19 -7.48
N LYS B 215 10.86 9.37 -7.99
CA LYS B 215 9.92 10.53 -7.98
C LYS B 215 8.92 10.38 -9.13
N THR B 216 7.68 10.10 -8.76
CA THR B 216 6.66 9.71 -9.70
C THR B 216 5.28 10.01 -9.12
N GLU B 217 4.32 10.30 -9.99
N GLU B 217 4.29 10.24 -9.98
CA GLU B 217 2.95 10.47 -9.54
CA GLU B 217 2.89 10.39 -9.55
C GLU B 217 2.26 9.10 -9.26
C GLU B 217 2.26 9.03 -9.18
N ARG B 218 2.90 7.98 -9.69
CA ARG B 218 2.35 6.64 -9.56
C ARG B 218 2.78 6.01 -8.27
N ALA B 219 1.84 5.86 -7.35
CA ALA B 219 2.13 5.38 -6.00
C ALA B 219 2.88 4.05 -5.97
N LEU B 220 2.60 3.18 -6.94
CA LEU B 220 3.15 1.85 -6.87
C LEU B 220 4.41 1.73 -7.68
N ASP B 221 4.95 2.86 -8.13
CA ASP B 221 6.27 2.87 -8.79
C ASP B 221 7.38 3.36 -7.85
N THR B 222 7.06 3.49 -6.56
CA THR B 222 8.04 3.82 -5.52
C THR B 222 7.65 3.05 -4.25
N THR B 224 7.27 2.46 0.07
CA THR B 224 6.93 3.12 1.33
C THR B 224 8.13 3.06 2.28
N ASN B 225 7.98 3.69 3.44
CA ASN B 225 8.92 3.58 4.52
C ASN B 225 10.34 3.91 4.05
N ASP B 226 10.46 5.02 3.34
CA ASP B 226 11.77 5.59 2.97
C ASP B 226 12.56 4.65 2.07
N GLY B 227 11.85 3.85 1.26
CA GLY B 227 12.49 2.98 0.30
C GLY B 227 12.67 1.53 0.72
N TRP B 228 12.13 1.17 1.89
CA TRP B 228 12.31 -0.19 2.42
C TRP B 228 11.06 -1.06 2.29
N GLY B 229 9.94 -0.43 1.93
CA GLY B 229 8.66 -1.09 1.84
C GLY B 229 8.04 -1.36 3.21
N ASN B 230 6.83 -1.90 3.20
CA ASN B 230 6.13 -2.17 4.43
C ASN B 230 6.84 -3.27 5.23
N PRO B 231 6.83 -3.17 6.58
CA PRO B 231 7.54 -4.13 7.40
C PRO B 231 7.08 -5.57 7.16
N VAL B 232 8.03 -6.49 7.22
CA VAL B 232 7.75 -7.91 7.27
C VAL B 232 8.31 -8.48 8.57
N LYS B 233 7.62 -9.49 9.10
CA LYS B 233 8.12 -10.26 10.24
C LYS B 233 8.80 -11.46 9.57
N PRO B 234 10.09 -11.70 9.86
CA PRO B 234 10.88 -12.70 9.10
C PRO B 234 10.54 -14.17 9.40
N VAL B 235 9.37 -14.60 8.95
CA VAL B 235 8.88 -15.96 9.20
C VAL B 235 9.41 -17.05 8.24
N GLY B 236 10.24 -16.65 7.27
CA GLY B 236 10.86 -17.60 6.34
C GLY B 236 10.52 -17.37 4.90
N LEU B 237 9.47 -16.60 4.64
CA LEU B 237 9.11 -16.25 3.27
C LEU B 237 10.11 -15.23 2.71
N ILE B 238 10.07 -15.08 1.39
CA ILE B 238 10.97 -14.13 0.68
C ILE B 238 10.19 -12.86 0.32
N ALA B 239 10.73 -11.70 0.69
CA ALA B 239 10.10 -10.43 0.37
C ALA B 239 10.34 -10.10 -1.07
N SER B 240 9.30 -9.65 -1.77
CA SER B 240 9.39 -9.13 -3.13
C SER B 240 9.00 -7.65 -3.04
N ALA B 241 9.88 -6.77 -3.46
CA ALA B 241 9.60 -5.34 -3.42
C ALA B 241 8.49 -4.99 -4.40
N PHE B 242 8.53 -5.63 -5.57
CA PHE B 242 7.55 -5.42 -6.63
C PHE B 242 6.96 -6.76 -7.15
N ARG B 243 5.82 -6.65 -7.80
CA ARG B 243 5.07 -7.74 -8.38
C ARG B 243 5.46 -7.94 -9.82
N PRO B 244 4.96 -9.04 -10.45
CA PRO B 244 5.19 -9.19 -11.88
C PRO B 244 4.47 -8.14 -12.78
N SER B 245 3.52 -7.41 -12.22
CA SER B 245 2.95 -6.23 -12.85
C SER B 245 3.91 -5.04 -12.87
N ASP B 246 5.04 -5.15 -12.14
CA ASP B 246 5.97 -4.05 -11.85
C ASP B 246 5.44 -3.02 -10.85
N ASP B 247 4.30 -3.31 -10.21
CA ASP B 247 3.77 -2.49 -9.11
C ASP B 247 4.36 -2.95 -7.80
N ALA B 248 4.64 -2.00 -6.91
CA ALA B 248 5.09 -2.31 -5.57
C ALA B 248 4.10 -3.23 -4.88
N THR B 249 4.63 -4.18 -4.12
CA THR B 249 3.82 -4.98 -3.23
C THR B 249 3.27 -4.11 -2.10
N THR B 250 2.11 -4.52 -1.59
CA THR B 250 1.53 -3.95 -0.34
C THR B 250 2.13 -4.63 0.86
N PHE B 251 1.99 -5.96 0.95
CA PHE B 251 2.74 -6.76 1.92
C PHE B 251 3.75 -7.57 1.11
N GLN B 252 5.02 -7.59 1.55
CA GLN B 252 6.08 -8.02 0.66
C GLN B 252 6.19 -9.51 0.42
N PHE B 253 5.61 -10.34 1.27
CA PHE B 253 5.68 -11.78 1.03
C PHE B 253 4.58 -12.10 0.03
N LEU B 254 4.95 -11.95 -1.23
CA LEU B 254 4.07 -12.11 -2.36
C LEU B 254 3.92 -13.62 -2.59
N VAL B 255 2.70 -14.12 -2.42
CA VAL B 255 2.45 -15.55 -2.33
C VAL B 255 2.71 -16.29 -3.66
N PRO B 256 2.17 -15.80 -4.79
CA PRO B 256 2.43 -16.56 -6.00
C PRO B 256 3.94 -16.67 -6.34
N SER B 257 4.68 -15.59 -6.07
CA SER B 257 6.08 -15.57 -6.36
C SER B 257 6.83 -16.48 -5.40
N ASN B 258 6.39 -16.54 -4.14
CA ASN B 258 7.06 -17.45 -3.20
C ASN B 258 6.82 -18.92 -3.61
N PHE B 259 5.60 -19.22 -4.07
CA PHE B 259 5.33 -20.55 -4.64
C PHE B 259 6.27 -20.88 -5.82
N PHE B 260 6.44 -19.89 -6.70
CA PHE B 260 7.30 -20.05 -7.90
C PHE B 260 8.75 -20.30 -7.46
N ALA B 261 9.18 -19.62 -6.39
CA ALA B 261 10.52 -19.77 -5.87
C ALA B 261 10.80 -21.19 -5.36
N VAL B 262 9.82 -21.77 -4.68
CA VAL B 262 9.98 -23.13 -4.16
C VAL B 262 10.28 -24.09 -5.31
N THR B 263 9.44 -24.04 -6.34
CA THR B 263 9.59 -24.90 -7.48
C THR B 263 10.90 -24.64 -8.21
N SER B 264 11.23 -23.35 -8.38
CA SER B 264 12.43 -22.97 -9.09
C SER B 264 13.70 -23.40 -8.36
N LEU B 265 13.70 -23.27 -7.04
CA LEU B 265 14.83 -23.75 -6.27
C LEU B 265 15.04 -25.24 -6.38
N ARG B 266 13.96 -26.00 -6.47
CA ARG B 266 14.06 -27.47 -6.60
C ARG B 266 14.58 -27.89 -7.99
N LYS B 267 14.21 -27.14 -9.01
CA LYS B 267 14.78 -27.35 -10.36
C LYS B 267 16.29 -27.06 -10.35
N ALA B 268 16.67 -25.98 -9.67
CA ALA B 268 18.08 -25.60 -9.57
C ALA B 268 18.86 -26.68 -8.80
N ALA B 269 18.27 -27.22 -7.73
CA ALA B 269 18.91 -28.33 -6.98
C ALA B 269 19.16 -29.51 -7.87
N GLU B 270 18.17 -29.85 -8.71
CA GLU B 270 18.34 -30.97 -9.62
C GLU B 270 19.47 -30.74 -10.63
N ILE B 271 19.52 -29.55 -11.17
CA ILE B 271 20.58 -29.19 -12.12
C ILE B 271 21.96 -29.31 -11.44
N LEU B 272 22.07 -28.77 -10.25
CA LEU B 272 23.33 -28.67 -9.53
C LEU B 272 23.80 -30.04 -9.11
N ASN B 273 22.87 -30.91 -8.68
N ASN B 273 22.86 -30.91 -8.75
CA ASN B 273 23.23 -32.29 -8.34
CA ASN B 273 23.23 -32.25 -8.34
C ASN B 273 23.70 -33.06 -9.57
C ASN B 273 23.57 -33.19 -9.49
N THR B 274 22.92 -32.99 -10.65
CA THR B 274 23.08 -33.86 -11.80
C THR B 274 24.17 -33.39 -12.74
N VAL B 275 24.09 -32.13 -13.13
CA VAL B 275 25.04 -31.57 -14.09
C VAL B 275 26.33 -31.11 -13.45
N ASN B 276 26.24 -30.28 -12.43
CA ASN B 276 27.42 -29.54 -11.92
C ASN B 276 28.16 -30.29 -10.82
N LYS B 277 27.56 -31.37 -10.33
CA LYS B 277 28.12 -32.12 -9.22
C LYS B 277 28.48 -31.21 -8.06
N LYS B 278 27.51 -30.41 -7.64
CA LYS B 278 27.68 -29.47 -6.52
C LYS B 278 26.61 -29.78 -5.47
N PRO B 279 26.75 -30.92 -4.79
CA PRO B 279 25.71 -31.34 -3.86
C PRO B 279 25.46 -30.38 -2.67
N ASP B 280 26.45 -29.64 -2.22
CA ASP B 280 26.23 -28.73 -1.09
C ASP B 280 25.38 -27.53 -1.52
N LEU B 281 25.68 -26.97 -2.69
CA LEU B 281 24.93 -25.84 -3.20
C LEU B 281 23.51 -26.29 -3.55
N ALA B 282 23.39 -27.48 -4.11
CA ALA B 282 22.07 -28.09 -4.36
C ALA B 282 21.26 -28.22 -3.07
N LYS B 283 21.88 -28.71 -2.00
CA LYS B 283 21.15 -28.87 -0.75
CA LYS B 283 21.20 -28.86 -0.71
C LYS B 283 20.74 -27.50 -0.21
N GLU B 284 21.58 -26.48 -0.38
CA GLU B 284 21.21 -25.12 0.02
C GLU B 284 19.92 -24.65 -0.65
N CYS B 285 19.80 -24.90 -1.96
CA CYS B 285 18.53 -24.67 -2.68
C CYS B 285 17.37 -25.47 -2.09
N THR B 286 17.59 -26.75 -1.84
CA THR B 286 16.48 -27.56 -1.32
C THR B 286 16.07 -27.10 0.07
N THR B 287 17.04 -26.82 0.94
CA THR B 287 16.73 -26.38 2.29
C THR B 287 15.90 -25.09 2.28
N LEU B 288 16.30 -24.14 1.43
CA LEU B 288 15.57 -22.89 1.33
C LEU B 288 14.16 -23.15 0.82
N SER B 289 14.04 -24.00 -0.19
CA SER B 289 12.73 -24.33 -0.76
C SER B 289 11.78 -24.88 0.31
N ASN B 290 12.31 -25.71 1.20
CA ASN B 290 11.53 -26.34 2.23
C ASN B 290 11.08 -25.30 3.26
N GLU B 291 11.96 -24.34 3.57
CA GLU B 291 11.62 -23.27 4.50
C GLU B 291 10.50 -22.40 3.95
N VAL B 292 10.61 -22.00 2.69
CA VAL B 292 9.59 -21.13 2.10
C VAL B 292 8.27 -21.90 2.02
N GLU B 293 8.33 -23.16 1.56
CA GLU B 293 7.13 -23.98 1.48
C GLU B 293 6.45 -24.10 2.85
N ALA B 294 7.22 -24.36 3.90
CA ALA B 294 6.63 -24.50 5.26
C ALA B 294 5.94 -23.21 5.66
N ALA B 295 6.56 -22.08 5.33
CA ALA B 295 6.02 -20.77 5.73
C ALA B 295 4.75 -20.46 4.94
N LEU B 296 4.68 -20.89 3.67
CA LEU B 296 3.49 -20.70 2.87
C LEU B 296 2.34 -21.46 3.54
N LYS B 297 2.59 -22.70 3.96
CA LYS B 297 1.56 -23.50 4.66
C LYS B 297 1.03 -22.84 5.89
N LYS B 298 1.93 -22.18 6.63
CA LYS B 298 1.61 -21.59 7.93
C LYS B 298 0.96 -20.21 7.82
N TYR B 299 1.36 -19.45 6.80
CA TYR B 299 0.95 -18.04 6.70
C TYR B 299 0.12 -17.63 5.48
N ALA B 300 0.06 -18.44 4.42
CA ALA B 300 -0.53 -17.98 3.14
C ALA B 300 -1.99 -18.34 2.98
N VAL B 301 -2.57 -19.02 3.95
CA VAL B 301 -3.92 -19.51 3.83
C VAL B 301 -4.89 -18.69 4.69
N TYR B 302 -6.03 -18.32 4.09
CA TYR B 302 -7.06 -17.54 4.76
C TYR B 302 -8.37 -18.32 4.67
N ASN B 303 -9.10 -18.44 5.79
CA ASN B 303 -10.40 -19.14 5.82
C ASN B 303 -11.50 -18.16 5.43
N HIS B 304 -11.83 -18.14 4.14
CA HIS B 304 -12.81 -17.17 3.64
C HIS B 304 -14.22 -17.67 3.96
N PRO B 305 -15.05 -16.79 4.57
CA PRO B 305 -16.37 -17.26 5.01
C PRO B 305 -17.29 -17.68 3.87
N LYS B 306 -17.07 -17.14 2.68
CA LYS B 306 -17.86 -17.52 1.50
C LYS B 306 -17.23 -18.66 0.71
N TYR B 307 -15.91 -18.59 0.51
CA TYR B 307 -15.21 -19.50 -0.38
C TYR B 307 -14.48 -20.67 0.28
N GLY B 308 -14.29 -20.63 1.60
CA GLY B 308 -13.51 -21.64 2.26
C GLY B 308 -12.06 -21.21 2.26
N LYS B 309 -11.17 -22.17 2.55
CA LYS B 309 -9.75 -21.87 2.62
C LYS B 309 -9.27 -21.42 1.27
N ILE B 310 -8.65 -20.23 1.21
CA ILE B 310 -8.03 -19.73 -0.01
C ILE B 310 -6.61 -19.31 0.26
N TYR B 311 -5.83 -19.15 -0.81
CA TYR B 311 -4.54 -18.50 -0.73
C TYR B 311 -4.70 -16.98 -0.80
N ALA B 312 -4.06 -16.31 0.18
CA ALA B 312 -3.88 -14.86 0.16
C ALA B 312 -2.92 -14.50 -0.99
N PHE B 313 -3.06 -13.28 -1.49
CA PHE B 313 -2.18 -12.76 -2.52
C PHE B 313 -0.82 -12.32 -1.97
N GLU B 314 -0.85 -11.58 -0.85
CA GLU B 314 0.36 -11.08 -0.17
C GLU B 314 0.12 -11.16 1.32
N VAL B 315 1.17 -11.43 2.07
CA VAL B 315 1.13 -11.48 3.51
C VAL B 315 2.38 -10.75 4.03
N ASP B 316 2.31 -10.27 5.26
CA ASP B 316 3.47 -9.60 5.87
C ASP B 316 4.19 -10.38 6.96
N GLY B 317 3.65 -11.54 7.35
CA GLY B 317 4.22 -12.31 8.44
C GLY B 317 3.74 -11.90 9.83
N PHE B 318 3.09 -10.74 9.93
CA PHE B 318 2.53 -10.25 11.20
C PHE B 318 1.10 -10.78 11.41
N GLY B 319 0.47 -11.23 10.33
CA GLY B 319 -0.91 -11.70 10.35
C GLY B 319 -1.77 -10.98 9.32
N ASN B 320 -1.24 -9.93 8.68
CA ASN B 320 -1.94 -9.31 7.56
C ASN B 320 -1.90 -10.19 6.32
N GLN B 321 -3.06 -10.27 5.66
CA GLN B 321 -3.25 -11.03 4.45
C GLN B 321 -4.12 -10.22 3.50
N LEU B 322 -3.60 -9.97 2.30
CA LEU B 322 -4.33 -9.24 1.28
C LEU B 322 -5.01 -10.22 0.34
N LEU B 323 -6.33 -10.09 0.20
CA LEU B 323 -7.17 -11.01 -0.56
C LEU B 323 -7.60 -10.35 -1.87
N ASP B 325 -6.41 -10.86 -6.55
CA ASP B 325 -5.41 -11.41 -7.48
C ASP B 325 -5.12 -10.28 -8.47
N ASP B 326 -3.95 -10.33 -9.08
CA ASP B 326 -3.54 -9.47 -10.17
C ASP B 326 -3.33 -10.39 -11.37
N ALA B 327 -3.60 -9.88 -12.57
CA ALA B 327 -3.47 -10.66 -13.80
C ALA B 327 -2.07 -11.23 -14.13
N ASN B 328 -1.02 -10.54 -13.70
CA ASN B 328 0.32 -10.91 -14.08
C ASN B 328 0.79 -12.24 -13.49
N VAL B 329 1.36 -13.08 -14.32
CA VAL B 329 1.89 -14.39 -13.90
C VAL B 329 3.35 -14.23 -13.45
N PRO B 330 3.70 -14.70 -12.22
CA PRO B 330 2.91 -15.54 -11.32
C PRO B 330 1.74 -14.85 -10.62
N SER B 331 0.57 -15.47 -10.74
CA SER B 331 -0.68 -15.01 -10.10
C SER B 331 -1.28 -16.17 -9.31
N LEU B 332 -2.31 -15.92 -8.49
CA LEU B 332 -2.99 -17.02 -7.79
C LEU B 332 -3.67 -17.96 -8.80
N ILE B 333 -4.41 -17.40 -9.76
CA ILE B 333 -5.11 -18.27 -10.74
C ILE B 333 -4.16 -19.16 -11.55
N ALA B 334 -2.97 -18.64 -11.82
CA ALA B 334 -1.93 -19.32 -12.60
C ALA B 334 -1.05 -20.34 -11.86
N LEU B 335 -1.26 -20.54 -10.55
CA LEU B 335 -0.40 -21.49 -9.82
C LEU B 335 -0.19 -22.84 -10.52
N PRO B 336 -1.29 -23.48 -11.02
CA PRO B 336 -1.08 -24.77 -11.67
C PRO B 336 -0.45 -24.64 -13.06
N TYR B 337 -0.60 -23.49 -13.72
CA TYR B 337 0.06 -23.27 -15.01
C TYR B 337 1.59 -23.34 -14.88
N LEU B 338 2.14 -22.66 -13.88
CA LEU B 338 3.57 -22.69 -13.61
C LEU B 338 3.99 -24.01 -12.98
N GLY B 339 3.04 -24.78 -12.45
CA GLY B 339 3.33 -26.07 -11.86
C GLY B 339 3.64 -26.03 -10.38
N ASP B 340 3.14 -25.01 -9.68
CA ASP B 340 3.46 -24.81 -8.26
C ASP B 340 2.48 -25.47 -7.31
N VAL B 341 1.26 -25.73 -7.77
CA VAL B 341 0.27 -26.56 -7.09
C VAL B 341 -0.40 -27.40 -8.16
N LYS B 342 -1.03 -28.51 -7.75
CA LYS B 342 -1.84 -29.28 -8.69
C LYS B 342 -3.18 -28.59 -8.89
N VAL B 343 -3.70 -28.71 -10.11
CA VAL B 343 -4.97 -28.05 -10.46
C VAL B 343 -6.13 -28.49 -9.55
N ASN B 344 -6.12 -29.71 -9.00
N ASN B 344 -6.01 -29.73 -9.04
CA ASN B 344 -7.20 -30.11 -8.09
CA ASN B 344 -6.95 -30.38 -8.13
C ASN B 344 -6.87 -30.01 -6.60
C ASN B 344 -6.91 -29.94 -6.67
N ASP B 345 -5.90 -29.17 -6.27
CA ASP B 345 -5.68 -28.73 -4.88
C ASP B 345 -6.96 -28.02 -4.45
N PRO B 346 -7.59 -28.48 -3.36
CA PRO B 346 -8.86 -27.87 -2.92
C PRO B 346 -8.74 -26.38 -2.55
N ILE B 347 -7.63 -25.99 -1.94
CA ILE B 347 -7.43 -24.58 -1.59
C ILE B 347 -7.27 -23.75 -2.87
N TYR B 348 -6.56 -24.32 -3.86
CA TYR B 348 -6.47 -23.67 -5.17
C TYR B 348 -7.86 -23.51 -5.78
N GLN B 349 -8.68 -24.57 -5.76
CA GLN B 349 -10.00 -24.47 -6.39
C GLN B 349 -10.91 -23.43 -5.72
N ASN B 350 -10.84 -23.35 -4.41
CA ASN B 350 -11.55 -22.30 -3.69
C ASN B 350 -11.05 -20.91 -4.10
N THR B 351 -9.74 -20.77 -4.19
CA THR B 351 -9.13 -19.50 -4.56
C THR B 351 -9.55 -19.10 -5.96
N ARG B 352 -9.63 -20.07 -6.85
CA ARG B 352 -10.03 -19.82 -8.23
CA ARG B 352 -10.05 -19.84 -8.24
C ARG B 352 -11.43 -19.21 -8.31
N LYS B 353 -12.36 -19.72 -7.50
CA LYS B 353 -13.72 -19.16 -7.41
C LYS B 353 -13.68 -17.77 -6.84
N PHE B 354 -12.93 -17.58 -5.76
CA PHE B 354 -12.78 -16.23 -5.18
C PHE B 354 -12.19 -15.20 -6.15
N VAL B 355 -11.10 -15.52 -6.83
CA VAL B 355 -10.44 -14.48 -7.64
C VAL B 355 -11.29 -14.04 -8.86
N TRP B 356 -12.11 -14.94 -9.37
CA TRP B 356 -12.97 -14.68 -10.50
C TRP B 356 -14.36 -14.30 -10.01
N SER B 357 -14.39 -13.29 -9.16
CA SER B 357 -15.64 -12.87 -8.52
C SER B 357 -15.53 -11.42 -8.12
N GLU B 358 -16.67 -10.84 -7.82
CA GLU B 358 -16.65 -9.45 -7.36
C GLU B 358 -16.21 -9.28 -5.89
N ASP B 359 -15.82 -10.38 -5.23
CA ASP B 359 -15.16 -10.27 -3.93
C ASP B 359 -13.66 -9.93 -4.05
N ASN B 360 -13.12 -10.12 -5.25
CA ASN B 360 -11.77 -9.66 -5.62
C ASN B 360 -11.84 -8.21 -6.09
N PRO B 361 -11.14 -7.30 -5.38
CA PRO B 361 -11.20 -5.86 -5.78
C PRO B 361 -10.70 -5.54 -7.19
N TYR B 362 -9.95 -6.46 -7.81
CA TYR B 362 -9.42 -6.22 -9.14
C TYR B 362 -10.00 -7.15 -10.20
N PHE B 363 -11.15 -7.73 -9.90
CA PHE B 363 -11.97 -8.44 -10.90
C PHE B 363 -13.05 -7.49 -11.43
N PHE B 364 -13.16 -7.40 -12.76
CA PHE B 364 -14.07 -6.48 -13.44
C PHE B 364 -14.96 -7.25 -14.42
N LYS B 365 -16.21 -6.83 -14.52
CA LYS B 365 -17.14 -7.42 -15.46
C LYS B 365 -17.86 -6.27 -16.15
N GLY B 366 -17.85 -6.29 -17.47
CA GLY B 366 -18.57 -5.28 -18.26
C GLY B 366 -19.22 -5.84 -19.50
N THR B 367 -19.58 -4.97 -20.42
CA THR B 367 -20.32 -5.39 -21.60
C THR B 367 -19.46 -6.23 -22.55
N ALA B 368 -18.14 -6.04 -22.50
CA ALA B 368 -17.21 -6.70 -23.44
C ALA B 368 -16.69 -8.02 -22.95
N GLY B 369 -16.81 -8.29 -21.66
CA GLY B 369 -16.24 -9.49 -21.05
C GLY B 369 -15.99 -9.29 -19.55
N GLU B 370 -15.18 -10.18 -18.99
CA GLU B 370 -14.86 -10.13 -17.56
C GLU B 370 -13.51 -10.71 -17.34
N GLY B 371 -12.91 -10.36 -16.21
CA GLY B 371 -11.60 -10.88 -15.89
C GLY B 371 -10.86 -10.04 -14.90
N ILE B 372 -9.58 -10.32 -14.72
CA ILE B 372 -8.81 -9.73 -13.64
C ILE B 372 -7.84 -8.74 -14.20
N GLY B 373 -7.69 -7.62 -13.49
CA GLY B 373 -6.66 -6.66 -13.83
C GLY B 373 -5.76 -6.45 -12.65
N GLY B 374 -5.70 -5.21 -12.19
CA GLY B 374 -4.87 -4.84 -11.04
C GLY B 374 -4.73 -3.34 -10.96
N PRO B 375 -3.90 -2.87 -10.03
CA PRO B 375 -3.71 -1.42 -9.89
C PRO B 375 -2.73 -0.80 -10.85
N HIS B 376 -2.14 -1.60 -11.74
CA HIS B 376 -1.13 -1.10 -12.66
C HIS B 376 -1.78 -0.14 -13.65
N ILE B 377 -2.88 -0.60 -14.26
CA ILE B 377 -3.63 0.25 -15.19
C ILE B 377 -4.90 0.79 -14.55
N GLY B 378 -5.36 0.16 -13.47
CA GLY B 378 -6.40 0.73 -12.62
C GLY B 378 -7.80 0.22 -12.88
N TYR B 379 -8.79 0.99 -12.44
CA TYR B 379 -10.15 0.45 -12.45
C TYR B 379 -10.62 0.05 -13.85
N ASP B 380 -11.36 -1.06 -13.91
CA ASP B 380 -12.16 -1.47 -15.06
C ASP B 380 -11.39 -1.99 -16.26
N ILE B 382 -9.36 -4.88 -17.87
CA ILE B 382 -9.19 -6.34 -17.78
C ILE B 382 -7.98 -6.76 -18.63
N TRP B 383 -7.15 -7.63 -18.10
CA TRP B 383 -5.98 -8.15 -18.80
C TRP B 383 -6.33 -9.48 -19.46
N PRO B 384 -6.16 -9.58 -20.79
CA PRO B 384 -6.29 -10.85 -21.47
C PRO B 384 -5.50 -12.00 -20.82
N SER B 386 -5.29 -12.84 -17.75
CA SER B 386 -6.16 -13.51 -16.78
C SER B 386 -7.11 -14.51 -17.43
N ILE B 387 -7.66 -14.12 -18.57
CA ILE B 387 -8.55 -15.00 -19.35
C ILE B 387 -7.80 -16.18 -19.92
N LYS B 390 -7.10 -18.56 -17.05
CA LYS B 390 -8.30 -19.30 -16.78
C LYS B 390 -8.45 -20.47 -17.73
N ALA B 391 -8.15 -20.27 -19.01
CA ALA B 391 -8.17 -21.34 -19.98
C ALA B 391 -7.09 -22.38 -19.72
N PHE B 392 -5.87 -21.94 -19.43
CA PHE B 392 -4.74 -22.86 -19.21
C PHE B 392 -4.98 -23.77 -18.05
N THR B 393 -5.75 -23.31 -17.07
CA THR B 393 -5.92 -24.05 -15.80
C THR B 393 -7.31 -24.67 -15.73
N SER B 394 -8.03 -24.63 -16.85
CA SER B 394 -9.40 -25.16 -16.88
C SER B 394 -9.42 -26.67 -17.05
N GLN B 395 -10.36 -27.33 -16.38
CA GLN B 395 -10.60 -28.77 -16.60
C GLN B 395 -11.93 -29.06 -17.34
N ASN B 396 -12.45 -28.06 -18.04
CA ASN B 396 -13.77 -28.11 -18.67
C ASN B 396 -13.69 -27.50 -20.11
N ASP B 397 -14.07 -28.28 -21.13
CA ASP B 397 -13.99 -27.81 -22.53
C ASP B 397 -14.87 -26.59 -22.79
N ALA B 398 -16.05 -26.53 -22.18
CA ALA B 398 -16.95 -25.41 -22.41
C ALA B 398 -16.38 -24.10 -21.84
N GLU B 399 -15.72 -24.19 -20.70
CA GLU B 399 -15.05 -23.01 -20.09
C GLU B 399 -13.91 -22.55 -20.97
N ILE B 400 -13.13 -23.50 -21.47
CA ILE B 400 -12.04 -23.20 -22.40
C ILE B 400 -12.54 -22.46 -23.64
N LYS B 401 -13.62 -22.99 -24.24
CA LYS B 401 -14.21 -22.37 -25.43
C LYS B 401 -14.69 -20.94 -25.16
N THR B 402 -15.33 -20.74 -24.02
CA THR B 402 -15.76 -19.41 -23.62
C THR B 402 -14.58 -18.46 -23.53
N CYS B 403 -13.49 -18.92 -22.94
CA CYS B 403 -12.30 -18.06 -22.80
C CYS B 403 -11.69 -17.71 -24.13
N ILE B 404 -11.58 -18.70 -25.00
CA ILE B 404 -10.99 -18.45 -26.34
C ILE B 404 -11.83 -17.45 -27.14
N LYS B 405 -13.15 -17.62 -27.09
N LYS B 405 -13.15 -17.61 -27.10
CA LYS B 405 -14.06 -16.69 -27.75
CA LYS B 405 -14.05 -16.67 -27.77
C LYS B 405 -13.90 -15.28 -27.20
C LYS B 405 -13.89 -15.26 -27.19
N LEU B 407 -11.23 -13.95 -25.82
CA LEU B 407 -9.97 -13.40 -26.29
C LEU B 407 -10.11 -12.91 -27.72
N ASP B 409 -12.83 -11.86 -29.04
CA ASP B 409 -13.84 -10.77 -29.09
C ASP B 409 -13.38 -9.50 -28.35
N THR B 410 -12.18 -9.50 -27.79
CA THR B 410 -11.69 -8.34 -27.02
C THR B 410 -10.35 -7.76 -27.52
N ASP B 411 -9.96 -8.12 -28.74
CA ASP B 411 -8.69 -7.67 -29.31
C ASP B 411 -8.82 -6.37 -30.14
N ALA B 412 -10.02 -5.79 -30.19
CA ALA B 412 -10.29 -4.54 -30.95
C ALA B 412 -9.99 -4.73 -32.44
N GLY B 413 -10.06 -5.98 -32.90
CA GLY B 413 -9.81 -6.34 -34.28
C GLY B 413 -8.34 -6.32 -34.69
N THR B 414 -7.43 -6.18 -33.72
CA THR B 414 -6.02 -5.99 -34.05
C THR B 414 -5.34 -7.30 -34.43
N GLY B 415 -5.93 -8.40 -34.00
CA GLY B 415 -5.36 -9.74 -34.15
C GLY B 415 -4.19 -10.05 -33.26
N PHE B 416 -3.97 -9.22 -32.24
CA PHE B 416 -2.93 -9.42 -31.24
C PHE B 416 -3.49 -9.39 -29.83
N HIS B 418 -3.29 -7.75 -26.13
CA HIS B 418 -2.97 -6.51 -25.46
C HIS B 418 -2.68 -6.70 -23.99
N GLU B 419 -2.11 -5.68 -23.36
CA GLU B 419 -1.93 -5.68 -21.89
C GLU B 419 -3.27 -5.67 -21.22
N SER B 420 -4.09 -4.67 -21.56
CA SER B 420 -5.40 -4.55 -20.92
C SER B 420 -6.41 -3.90 -21.87
N PHE B 421 -7.70 -4.08 -21.55
CA PHE B 421 -8.80 -3.50 -22.35
C PHE B 421 -9.93 -3.11 -21.38
N HIS B 422 -10.67 -2.08 -21.74
CA HIS B 422 -11.74 -1.59 -20.87
C HIS B 422 -12.90 -2.57 -20.89
N LYS B 423 -13.47 -2.84 -19.71
CA LYS B 423 -14.53 -3.87 -19.58
C LYS B 423 -15.77 -3.60 -20.45
N ASN B 424 -15.94 -2.34 -20.88
CA ASN B 424 -17.10 -1.94 -21.69
C ASN B 424 -16.73 -1.52 -23.10
N ASP B 425 -15.44 -1.63 -23.46
CA ASP B 425 -14.99 -1.14 -24.75
C ASP B 425 -13.58 -1.59 -25.03
N PRO B 426 -13.44 -2.69 -25.76
CA PRO B 426 -12.09 -3.21 -26.03
C PRO B 426 -11.22 -2.30 -26.91
N LYS B 427 -11.83 -1.30 -27.54
CA LYS B 427 -11.05 -0.34 -28.33
C LYS B 427 -10.23 0.60 -27.48
N ASN B 428 -10.53 0.62 -26.19
CA ASN B 428 -9.76 1.35 -25.17
C ASN B 428 -8.86 0.32 -24.54
N PHE B 429 -7.62 0.25 -25.04
CA PHE B 429 -6.69 -0.79 -24.63
C PHE B 429 -5.29 -0.23 -24.43
N THR B 430 -4.45 -1.01 -23.74
CA THR B 430 -3.08 -0.64 -23.52
C THR B 430 -2.13 -1.70 -24.10
N ARG B 431 -0.98 -1.22 -24.57
CA ARG B 431 0.10 -1.97 -25.20
C ARG B 431 -0.31 -2.77 -26.43
N SER B 432 -0.21 -2.13 -27.59
CA SER B 432 -0.54 -2.77 -28.84
C SER B 432 0.43 -3.92 -29.21
N TRP B 433 1.68 -3.81 -28.71
CA TRP B 433 2.77 -4.74 -29.07
C TRP B 433 3.44 -5.27 -27.81
N PHE B 434 2.97 -6.43 -27.37
CA PHE B 434 3.31 -7.00 -26.06
C PHE B 434 3.59 -8.46 -26.30
N ALA B 435 4.86 -8.77 -26.57
CA ALA B 435 5.20 -10.06 -27.13
C ALA B 435 4.98 -11.24 -26.17
N TRP B 436 5.17 -11.04 -24.87
CA TRP B 436 4.84 -12.07 -23.88
C TRP B 436 3.41 -12.54 -24.07
N GLN B 437 2.50 -11.58 -24.24
CA GLN B 437 1.10 -11.93 -24.32
C GLN B 437 0.80 -12.67 -25.64
N ASN B 438 1.45 -12.25 -26.71
CA ASN B 438 1.27 -12.92 -28.00
C ASN B 438 1.78 -14.36 -27.93
N THR B 439 2.92 -14.56 -27.30
CA THR B 439 3.45 -15.89 -27.05
C THR B 439 2.48 -16.73 -26.28
N LEU B 440 1.90 -16.19 -25.21
CA LEU B 440 0.97 -16.98 -24.38
C LEU B 440 -0.24 -17.42 -25.22
N PHE B 441 -0.73 -16.56 -26.12
CA PHE B 441 -1.89 -16.93 -26.89
C PHE B 441 -1.55 -18.07 -27.84
N GLY B 442 -0.43 -17.95 -28.54
CA GLY B 442 0.02 -19.03 -29.41
C GLY B 442 0.21 -20.31 -28.62
N GLU B 443 0.85 -20.20 -27.47
CA GLU B 443 1.09 -21.36 -26.61
C GLU B 443 -0.22 -22.05 -26.20
N LEU B 444 -1.25 -21.26 -25.91
CA LEU B 444 -2.53 -21.80 -25.47
C LEU B 444 -3.17 -22.58 -26.62
N ILE B 445 -3.17 -21.99 -27.81
CA ILE B 445 -3.80 -22.64 -28.94
C ILE B 445 -3.06 -23.96 -29.27
N LEU B 446 -1.73 -23.89 -29.30
CA LEU B 446 -0.90 -25.04 -29.57
C LEU B 446 -1.14 -26.14 -28.53
N LYS B 447 -1.22 -25.75 -27.25
CA LYS B 447 -1.50 -26.70 -26.17
C LYS B 447 -2.79 -27.46 -26.40
N LEU B 448 -3.84 -26.73 -26.75
CA LEU B 448 -5.14 -27.31 -26.94
C LEU B 448 -5.14 -28.25 -28.15
N VAL B 449 -4.48 -27.85 -29.24
CA VAL B 449 -4.36 -28.76 -30.40
C VAL B 449 -3.56 -30.03 -30.03
N ASN B 450 -2.46 -29.85 -29.32
CA ASN B 450 -1.60 -31.00 -28.96
C ASN B 450 -2.29 -31.94 -27.95
N GLU B 451 -3.27 -31.43 -27.20
CA GLU B 451 -4.06 -32.24 -26.24
C GLU B 451 -5.26 -32.92 -26.90
N GLY B 452 -5.43 -32.74 -28.21
CA GLY B 452 -6.53 -33.40 -28.92
C GLY B 452 -7.83 -32.62 -28.95
N LYS B 453 -7.75 -31.29 -28.76
CA LYS B 453 -8.97 -30.47 -28.67
C LYS B 453 -9.20 -29.55 -29.88
N VAL B 454 -8.68 -29.94 -31.03
CA VAL B 454 -8.96 -29.18 -32.23
C VAL B 454 -10.47 -29.14 -32.56
N ASP B 455 -11.21 -30.19 -32.27
CA ASP B 455 -12.65 -30.18 -32.56
C ASP B 455 -13.39 -29.07 -31.78
N LEU B 456 -12.97 -28.85 -30.53
CA LEU B 456 -13.47 -27.78 -29.69
C LEU B 456 -13.19 -26.42 -30.33
N LEU B 457 -11.95 -26.22 -30.76
CA LEU B 457 -11.60 -24.97 -31.44
C LEU B 457 -12.37 -24.79 -32.74
N ASN B 458 -12.58 -25.88 -33.47
CA ASN B 458 -13.26 -25.79 -34.74
C ASN B 458 -14.77 -25.61 -34.58
N SER B 459 -15.29 -25.83 -33.36
CA SER B 459 -16.70 -25.54 -33.06
C SER B 459 -17.02 -24.04 -32.83
N ILE B 460 -15.98 -23.20 -32.76
CA ILE B 460 -16.16 -21.74 -32.65
C ILE B 460 -16.53 -21.22 -34.02
N GLN B 461 -17.70 -20.61 -34.12
CA GLN B 461 -18.22 -20.19 -35.42
C GLN B 461 -17.86 -18.73 -35.71
#